data_9F6T
#
_entry.id   9F6T
#
_cell.length_a   1.00
_cell.length_b   1.00
_cell.length_c   1.00
_cell.angle_alpha   90.00
_cell.angle_beta   90.00
_cell.angle_gamma   90.00
#
_symmetry.space_group_name_H-M   'P 1'
#
loop_
_entity.id
_entity.type
_entity.pdbx_description
1 polymer 'Asgard tubulin A (AtubA) from Candidatus Lokiarchaeum ossiferum'
2 polymer 'Asgard tubulin B (AtubB) from Candidatus Lokiarchaeum ossiferum'
3 non-polymer "GUANOSINE-5'-TRIPHOSPHATE"
#
loop_
_entity_poly.entity_id
_entity_poly.type
_entity_poly.pdbx_seq_one_letter_code
_entity_poly.pdbx_strand_id
1 'polypeptide(L)'
;MAGEIVCIQVGQAGNQIAGAFWQKICAEHGIDPVNGKAIDVVGDTDIFFNTIGDKYIPRAVVVDLEPAVVENIREKFGTL
FDPKSIVSGADGAGNNFAIGFNEHGAETLEKVMQVVEQRVSETESIGGFILTHSCGGGTGSGFGSKILKTIRERYPKVPI
FTFSIFPSPKISETVVEPYNAIMTLSNLIKYASCSIVLDNEALFSIAEKKLEVENPSLEDLNLIIAQVLTNVTASLRFSG
TLNLDLGKLVTNLVPFSNLHFLMASTAPLVLAGKESYEKMTAKELSAQVFGDEYICAACKPTTGRYLAASVLFRGAVKTS
DVNEAMATVKEQNSFVNWIPTGFKISKSETSPKDSALGVIMLGNNSEIVSVFERIGANFDRLWSRKAFAHWFTDSGFEEK
DLDDARALVQKVIDDYRKLTEDA
;
A
2 'polypeptide(L)'
;MGREVIMLHVGQAGIQVGAMYWKQICAEHNLDHNGAPIGGDIKGDPDCFFMKASGGKYVPRALLIDLEPKVVRQVGNEQL
PSFFDPKNLIHGLYGGANSFAKGYLGEGRDMIDNIMEQLKKEVAKCESLQGFIMTHAVGGGSGGGLGCLIMEKIKEEYPK
KILWSYSILPSPLLSDAVVEPYNAILSLDKMIQYTDETVVIDNHALFQIVTKNMGIDDPIYDDLNHVISQALSDITASLR
FKGSLNTDMKEFLVNLVPYPRSHFLMASFAPMATAEDRQYAKLTTSNLANALFEENYMMAAVDVTKGTFLACSLLFRGEN
TAQDITNALLDIKGRIKFSSFIPTGIKYGMTGTAPEGLERSGSALINHTGVAEIFNRILAQFNLMFDKGAFLNWYEIEGM
SKDDFAGARDNVQKLSDEYKRDEE
;
B
#
# COMPACT_ATOMS: atom_id res chain seq x y z
N ALA A 2 15.78 -2.51 -3.39
CA ALA A 2 14.55 -1.75 -3.33
C ALA A 2 13.44 -2.68 -3.01
N GLY A 3 13.38 -3.13 -1.77
CA GLY A 3 12.30 -3.99 -1.32
C GLY A 3 12.38 -5.45 -1.74
N GLU A 4 13.58 -6.00 -1.81
CA GLU A 4 13.79 -7.34 -2.28
C GLU A 4 13.58 -8.35 -1.15
N ILE A 5 13.36 -9.60 -1.48
CA ILE A 5 12.97 -10.60 -0.48
C ILE A 5 13.94 -11.75 -0.44
N VAL A 6 14.41 -12.08 0.73
CA VAL A 6 15.28 -13.21 0.92
C VAL A 6 14.44 -14.36 1.37
N CYS A 7 14.57 -15.50 0.73
CA CYS A 7 13.73 -16.63 1.02
C CYS A 7 14.51 -17.72 1.73
N ILE A 8 13.97 -18.22 2.81
CA ILE A 8 14.62 -19.23 3.61
C ILE A 8 13.80 -20.50 3.56
N GLN A 9 14.43 -21.60 3.17
CA GLN A 9 13.79 -22.91 3.08
C GLN A 9 14.38 -23.84 4.14
N VAL A 10 13.57 -24.40 5.03
CA VAL A 10 14.15 -25.17 6.12
C VAL A 10 13.52 -26.52 6.20
N GLY A 11 14.33 -27.54 6.15
CA GLY A 11 13.89 -28.91 6.37
C GLY A 11 13.36 -29.55 5.12
N GLN A 12 12.97 -30.81 5.24
CA GLN A 12 12.52 -31.48 4.03
C GLN A 12 11.33 -30.78 3.44
N ALA A 13 10.37 -30.43 4.25
CA ALA A 13 9.19 -29.82 3.67
C ALA A 13 9.56 -28.51 3.01
N GLY A 14 10.37 -27.72 3.68
CA GLY A 14 10.75 -26.45 3.10
C GLY A 14 11.34 -26.63 1.73
N ASN A 15 12.18 -27.64 1.56
CA ASN A 15 12.83 -27.74 0.29
C ASN A 15 11.92 -28.29 -0.78
N GLN A 16 11.09 -29.27 -0.50
CA GLN A 16 10.29 -29.76 -1.61
C GLN A 16 9.28 -28.72 -2.05
N ILE A 17 8.71 -28.02 -1.09
CA ILE A 17 7.70 -27.02 -1.39
C ILE A 17 8.31 -25.87 -2.13
N ALA A 18 9.41 -25.37 -1.61
CA ALA A 18 10.08 -24.27 -2.27
C ALA A 18 10.54 -24.67 -3.66
N GLY A 19 10.98 -25.90 -3.84
CA GLY A 19 11.36 -26.30 -5.16
C GLY A 19 10.23 -26.11 -6.13
N ALA A 20 9.04 -26.56 -5.74
CA ALA A 20 7.92 -26.39 -6.65
C ALA A 20 7.63 -24.92 -6.86
N PHE A 21 7.78 -24.13 -5.82
CA PHE A 21 7.54 -22.70 -5.98
C PHE A 21 8.47 -22.12 -6.98
N TRP A 22 9.75 -22.43 -6.85
CA TRP A 22 10.74 -21.79 -7.68
C TRP A 22 10.55 -22.18 -9.12
N GLN A 23 10.17 -23.41 -9.39
CA GLN A 23 9.94 -23.70 -10.79
C GLN A 23 8.80 -22.85 -11.31
N LYS A 24 7.73 -22.73 -10.57
CA LYS A 24 6.64 -22.01 -11.16
C LYS A 24 6.96 -20.53 -11.30
N ILE A 25 7.63 -19.96 -10.32
CA ILE A 25 7.87 -18.54 -10.40
C ILE A 25 8.81 -18.28 -11.56
N CYS A 26 9.71 -19.21 -11.83
CA CYS A 26 10.59 -19.02 -12.95
C CYS A 26 9.77 -18.97 -14.22
N ALA A 27 8.78 -19.81 -14.31
CA ALA A 27 8.02 -19.83 -15.56
C ALA A 27 7.31 -18.53 -15.74
N GLU A 28 6.73 -17.99 -14.70
CA GLU A 28 5.96 -16.78 -14.90
C GLU A 28 6.80 -15.61 -15.32
N HIS A 29 8.02 -15.55 -14.91
CA HIS A 29 8.82 -14.43 -15.25
C HIS A 29 9.64 -14.66 -16.46
N GLY A 30 9.44 -15.76 -17.14
CA GLY A 30 10.16 -15.99 -18.36
C GLY A 30 11.56 -16.42 -18.16
N ILE A 31 11.87 -17.00 -17.04
CA ILE A 31 13.20 -17.49 -16.80
C ILE A 31 13.13 -19.00 -16.93
N ASP A 32 13.94 -19.57 -17.79
CA ASP A 32 13.95 -21.02 -17.83
C ASP A 32 14.40 -21.53 -16.49
N PRO A 33 13.83 -22.59 -16.00
CA PRO A 33 14.27 -23.14 -14.74
C PRO A 33 15.61 -23.77 -14.94
N VAL A 34 16.41 -23.71 -13.90
CA VAL A 34 17.71 -24.35 -13.87
C VAL A 34 18.71 -23.64 -14.76
N ASN A 35 18.52 -23.68 -16.05
CA ASN A 35 19.40 -22.89 -16.88
C ASN A 35 18.82 -21.49 -16.96
N GLY A 36 19.01 -20.72 -15.92
CA GLY A 36 18.25 -19.51 -15.78
C GLY A 36 18.60 -18.41 -16.76
N LYS A 37 18.26 -18.62 -18.02
CA LYS A 37 18.50 -17.66 -19.09
C LYS A 37 17.31 -16.74 -19.33
N ALA A 38 17.58 -15.59 -19.91
CA ALA A 38 16.60 -14.51 -19.96
C ALA A 38 15.71 -14.68 -21.18
N ILE A 39 14.79 -15.63 -21.09
CA ILE A 39 13.88 -15.90 -22.21
C ILE A 39 12.72 -14.91 -22.09
N ASP A 40 12.98 -13.67 -22.52
CA ASP A 40 11.97 -12.60 -22.48
C ASP A 40 11.45 -12.37 -21.07
N VAL A 41 12.33 -11.91 -20.21
CA VAL A 41 12.02 -11.75 -18.80
C VAL A 41 11.10 -10.57 -18.57
N VAL A 42 10.07 -10.78 -17.76
CA VAL A 42 9.04 -9.78 -17.47
C VAL A 42 8.79 -9.66 -15.98
N GLY A 43 8.17 -8.56 -15.57
CA GLY A 43 7.75 -8.39 -14.20
C GLY A 43 8.85 -7.89 -13.34
N ASP A 44 8.56 -7.65 -12.06
CA ASP A 44 9.62 -7.15 -11.19
C ASP A 44 10.46 -8.32 -10.72
N THR A 45 11.31 -8.76 -11.64
CA THR A 45 12.12 -9.94 -11.43
C THR A 45 13.00 -9.78 -10.23
N ASP A 46 13.51 -8.57 -10.00
CA ASP A 46 14.54 -8.35 -9.00
C ASP A 46 14.12 -8.67 -7.59
N ILE A 47 12.82 -8.69 -7.30
CA ILE A 47 12.40 -8.98 -5.95
C ILE A 47 12.81 -10.37 -5.52
N PHE A 48 12.73 -11.34 -6.40
CA PHE A 48 13.06 -12.68 -6.00
C PHE A 48 14.29 -13.28 -6.63
N PHE A 49 14.82 -12.70 -7.68
CA PHE A 49 16.02 -13.23 -8.29
C PHE A 49 17.12 -12.20 -8.28
N ASN A 50 18.32 -12.61 -8.01
CA ASN A 50 19.41 -11.72 -8.27
C ASN A 50 19.74 -11.86 -9.72
N THR A 51 20.32 -10.82 -10.28
CA THR A 51 20.75 -10.84 -11.67
C THR A 51 22.25 -10.61 -11.72
N ILE A 52 22.98 -11.56 -12.27
CA ILE A 52 24.41 -11.42 -12.44
C ILE A 52 24.74 -11.00 -13.86
N GLY A 53 24.00 -11.55 -14.81
CA GLY A 53 24.14 -11.25 -16.21
C GLY A 53 24.01 -12.53 -16.97
N ASP A 54 23.05 -12.61 -17.86
CA ASP A 54 22.82 -13.86 -18.54
C ASP A 54 22.60 -14.95 -17.53
N LYS A 55 21.99 -14.59 -16.39
CA LYS A 55 21.69 -15.54 -15.35
C LYS A 55 20.71 -14.94 -14.37
N TYR A 56 19.89 -15.75 -13.77
CA TYR A 56 19.01 -15.25 -12.74
C TYR A 56 19.04 -16.23 -11.59
N ILE A 57 19.47 -15.79 -10.41
CA ILE A 57 19.75 -16.68 -9.29
C ILE A 57 18.68 -16.51 -8.23
N PRO A 58 17.90 -17.52 -7.95
CA PRO A 58 16.93 -17.45 -6.88
C PRO A 58 17.56 -16.99 -5.61
N ARG A 59 16.97 -16.00 -4.97
CA ARG A 59 17.57 -15.39 -3.81
C ARG A 59 17.16 -16.22 -2.61
N ALA A 60 17.81 -17.33 -2.42
CA ALA A 60 17.34 -18.32 -1.49
C ALA A 60 18.44 -18.88 -0.63
N VAL A 61 18.06 -19.23 0.58
CA VAL A 61 18.91 -19.86 1.57
C VAL A 61 18.37 -21.24 1.82
N VAL A 62 19.18 -22.27 1.68
CA VAL A 62 18.72 -23.63 1.84
C VAL A 62 19.30 -24.24 3.07
N VAL A 63 18.46 -24.73 3.96
CA VAL A 63 18.86 -25.15 5.27
C VAL A 63 18.42 -26.56 5.49
N ASP A 64 19.33 -27.43 5.84
CA ASP A 64 18.92 -28.77 6.22
C ASP A 64 19.88 -29.36 7.23
N LEU A 65 19.39 -29.64 8.42
CA LEU A 65 20.20 -30.29 9.41
C LEU A 65 20.63 -31.66 8.96
N GLU A 66 19.88 -32.25 8.04
CA GLU A 66 20.16 -33.61 7.58
C GLU A 66 21.66 -33.75 7.30
N PRO A 67 22.27 -34.87 7.68
CA PRO A 67 23.69 -35.07 7.40
C PRO A 67 23.96 -34.96 5.93
N ALA A 68 25.24 -34.81 5.59
CA ALA A 68 25.67 -34.74 4.20
C ALA A 68 25.04 -33.50 3.57
N VAL A 69 24.55 -33.60 2.34
CA VAL A 69 24.02 -32.45 1.63
C VAL A 69 22.67 -32.81 1.05
N VAL A 70 21.90 -31.78 0.71
CA VAL A 70 20.61 -32.03 0.11
C VAL A 70 20.85 -32.25 -1.36
N GLU A 71 21.35 -33.45 -1.69
CA GLU A 71 21.45 -33.81 -3.10
C GLU A 71 20.09 -33.76 -3.71
N ASN A 72 19.05 -33.98 -2.90
CA ASN A 72 17.71 -33.80 -3.40
C ASN A 72 17.59 -32.50 -4.14
N ILE A 73 18.48 -31.56 -3.90
CA ILE A 73 18.54 -30.36 -4.72
C ILE A 73 19.62 -30.50 -5.79
N ARG A 74 20.77 -31.07 -5.42
CA ARG A 74 21.86 -31.25 -6.38
C ARG A 74 21.38 -31.96 -7.63
N GLU A 75 20.56 -32.99 -7.46
CA GLU A 75 20.06 -33.80 -8.56
C GLU A 75 18.76 -33.26 -9.15
N LYS A 76 17.85 -32.68 -8.35
CA LYS A 76 16.57 -32.28 -8.92
C LYS A 76 16.60 -30.89 -9.53
N PHE A 77 17.38 -29.98 -9.00
CA PHE A 77 17.41 -28.64 -9.56
C PHE A 77 18.76 -28.25 -10.12
N GLY A 78 19.84 -28.83 -9.61
CA GLY A 78 21.14 -28.54 -10.19
C GLY A 78 21.47 -27.08 -10.10
N THR A 79 21.77 -26.48 -11.25
CA THR A 79 22.22 -25.11 -11.30
C THR A 79 21.17 -24.08 -10.91
N LEU A 80 19.95 -24.49 -10.59
CA LEU A 80 18.96 -23.50 -10.15
C LEU A 80 19.42 -22.81 -8.89
N PHE A 81 20.06 -23.52 -7.98
CA PHE A 81 20.44 -22.95 -6.70
C PHE A 81 21.96 -22.80 -6.62
N ASP A 82 22.42 -21.70 -6.06
CA ASP A 82 23.86 -21.46 -5.89
C ASP A 82 24.37 -22.25 -4.70
N PRO A 83 25.34 -23.14 -4.89
CA PRO A 83 25.79 -24.03 -3.81
C PRO A 83 26.30 -23.32 -2.59
N LYS A 84 26.80 -22.08 -2.70
CA LYS A 84 27.33 -21.45 -1.51
C LYS A 84 26.22 -21.12 -0.54
N SER A 85 24.96 -21.22 -0.97
CA SER A 85 23.81 -20.93 -0.15
C SER A 85 23.22 -22.16 0.53
N ILE A 86 23.84 -23.33 0.42
CA ILE A 86 23.30 -24.54 1.03
C ILE A 86 24.12 -24.88 2.26
N VAL A 87 23.47 -24.97 3.43
CA VAL A 87 24.13 -25.14 4.71
C VAL A 87 23.67 -26.41 5.43
N SER A 88 24.62 -27.15 5.95
CA SER A 88 24.39 -28.35 6.75
C SER A 88 25.49 -28.48 7.81
N GLY A 89 25.30 -29.37 8.79
CA GLY A 89 26.26 -29.59 9.85
C GLY A 89 26.83 -30.99 9.87
N ALA A 90 27.40 -31.35 11.03
CA ALA A 90 28.06 -32.65 11.18
C ALA A 90 27.09 -33.82 11.11
N ASP A 91 25.89 -33.65 11.64
CA ASP A 91 24.91 -34.73 11.68
C ASP A 91 23.52 -34.12 11.57
N GLY A 92 22.50 -34.96 11.59
CA GLY A 92 21.10 -34.55 11.43
C GLY A 92 20.32 -34.48 12.72
N ALA A 93 19.02 -34.70 12.60
CA ALA A 93 18.10 -34.60 13.71
C ALA A 93 16.96 -35.56 13.44
N GLY A 94 16.17 -35.84 14.46
CA GLY A 94 15.00 -36.71 14.34
C GLY A 94 13.74 -35.90 14.19
N ASN A 95 12.65 -36.41 14.75
CA ASN A 95 11.40 -35.71 14.65
C ASN A 95 11.12 -34.86 15.86
N ASN A 96 12.13 -34.66 16.70
CA ASN A 96 12.02 -33.94 17.97
C ASN A 96 12.60 -32.54 17.83
N PHE A 97 11.74 -31.56 18.06
CA PHE A 97 12.07 -30.13 18.03
C PHE A 97 13.31 -29.84 18.87
N ALA A 98 13.42 -30.50 20.02
CA ALA A 98 14.51 -30.26 20.95
C ALA A 98 15.86 -30.69 20.41
N ILE A 99 15.88 -31.60 19.44
CA ILE A 99 17.17 -31.97 18.88
C ILE A 99 17.65 -30.86 17.97
N GLY A 100 16.75 -30.27 17.18
CA GLY A 100 17.13 -29.10 16.41
C GLY A 100 17.70 -28.02 17.29
N PHE A 101 17.24 -27.96 18.55
CA PHE A 101 17.64 -27.00 19.56
C PHE A 101 18.76 -27.49 20.48
N ASN A 102 19.44 -28.60 20.19
CA ASN A 102 20.46 -29.12 21.11
C ASN A 102 21.58 -29.81 20.33
N GLU A 103 22.55 -30.37 21.07
CA GLU A 103 23.67 -31.14 20.49
C GLU A 103 24.49 -30.33 19.50
N HIS A 104 24.86 -29.11 19.90
CA HIS A 104 25.72 -28.19 19.14
C HIS A 104 25.11 -27.74 17.81
N GLY A 105 23.78 -27.57 17.78
CA GLY A 105 23.13 -27.04 16.61
C GLY A 105 23.62 -25.66 16.23
N ALA A 106 24.34 -25.01 17.14
CA ALA A 106 24.89 -23.68 16.91
C ALA A 106 25.85 -23.65 15.74
N GLU A 107 26.56 -24.73 15.49
CA GLU A 107 27.46 -24.67 14.36
C GLU A 107 26.70 -24.39 13.09
N THR A 108 25.52 -24.97 12.92
CA THR A 108 24.81 -24.71 11.70
C THR A 108 23.99 -23.47 11.81
N LEU A 109 23.60 -23.07 13.01
CA LEU A 109 22.87 -21.83 13.07
C LEU A 109 23.74 -20.69 12.61
N GLU A 110 25.00 -20.69 13.03
CA GLU A 110 25.82 -19.59 12.53
C GLU A 110 26.07 -19.73 11.03
N LYS A 111 26.33 -20.92 10.55
CA LYS A 111 26.58 -21.02 9.13
C LYS A 111 25.36 -20.56 8.36
N VAL A 112 24.18 -20.92 8.82
CA VAL A 112 23.00 -20.40 8.16
C VAL A 112 23.00 -18.89 8.24
N MET A 113 23.43 -18.34 9.36
CA MET A 113 23.35 -16.88 9.42
C MET A 113 24.39 -16.20 8.55
N GLN A 114 25.52 -16.83 8.30
CA GLN A 114 26.45 -16.21 7.39
C GLN A 114 25.87 -16.15 6.00
N VAL A 115 25.22 -17.22 5.59
CA VAL A 115 24.59 -17.15 4.30
C VAL A 115 23.56 -16.07 4.30
N VAL A 116 22.79 -15.95 5.37
CA VAL A 116 21.74 -14.95 5.34
C VAL A 116 22.38 -13.59 5.23
N GLU A 117 23.49 -13.40 5.90
CA GLU A 117 24.09 -12.08 5.82
C GLU A 117 24.51 -11.79 4.42
N GLN A 118 24.96 -12.78 3.68
CA GLN A 118 25.31 -12.49 2.29
C GLN A 118 24.09 -12.22 1.42
N ARG A 119 23.01 -12.96 1.57
CA ARG A 119 21.88 -12.60 0.73
C ARG A 119 21.32 -11.24 1.09
N VAL A 120 21.51 -10.82 2.33
CA VAL A 120 21.07 -9.49 2.73
C VAL A 120 22.02 -8.43 2.23
N SER A 121 23.32 -8.66 2.33
CA SER A 121 24.25 -7.62 1.95
C SER A 121 24.34 -7.39 0.46
N GLU A 122 24.05 -8.39 -0.34
CA GLU A 122 24.03 -8.16 -1.77
C GLU A 122 22.85 -7.34 -2.20
N THR A 123 21.91 -7.12 -1.33
CA THR A 123 20.63 -6.53 -1.68
C THR A 123 20.59 -5.07 -1.24
N GLU A 124 20.12 -4.19 -2.13
CA GLU A 124 20.13 -2.77 -1.78
C GLU A 124 19.29 -2.48 -0.56
N SER A 125 18.12 -3.12 -0.47
CA SER A 125 17.21 -2.89 0.62
C SER A 125 16.35 -4.13 0.84
N ILE A 126 16.09 -4.46 2.09
CA ILE A 126 15.40 -5.69 2.43
C ILE A 126 13.94 -5.39 2.66
N GLY A 127 13.09 -6.02 1.92
CA GLY A 127 11.69 -5.72 2.09
C GLY A 127 11.02 -6.74 2.90
N GLY A 128 11.80 -7.67 3.41
CA GLY A 128 11.26 -8.73 4.22
C GLY A 128 11.90 -10.06 3.96
N PHE A 129 11.63 -11.03 4.82
CA PHE A 129 12.02 -12.42 4.67
C PHE A 129 10.81 -13.31 4.56
N ILE A 130 10.90 -14.35 3.76
CA ILE A 130 9.87 -15.38 3.67
C ILE A 130 10.49 -16.70 4.06
N LEU A 131 9.89 -17.38 4.99
CA LEU A 131 10.44 -18.60 5.57
C LEU A 131 9.44 -19.71 5.42
N THR A 132 9.80 -20.78 4.76
CA THR A 132 8.90 -21.92 4.55
C THR A 132 9.38 -23.16 5.28
N HIS A 133 8.53 -23.75 6.13
CA HIS A 133 8.99 -24.86 6.94
C HIS A 133 7.85 -25.66 7.50
N SER A 134 8.14 -26.88 7.89
CA SER A 134 7.16 -27.72 8.51
C SER A 134 7.23 -27.54 10.00
N CYS A 135 6.12 -27.78 10.67
CA CYS A 135 6.03 -27.61 12.11
C CYS A 135 6.25 -28.90 12.87
N GLY A 136 6.30 -30.05 12.22
CA GLY A 136 6.30 -31.33 12.88
C GLY A 136 7.61 -32.03 13.16
N GLY A 137 8.79 -31.47 12.89
CA GLY A 137 10.02 -32.24 13.01
C GLY A 137 11.27 -31.48 13.46
N GLY A 138 12.36 -32.24 13.54
CA GLY A 138 13.58 -31.76 14.13
C GLY A 138 14.22 -30.66 13.33
N THR A 139 13.98 -30.59 12.03
CA THR A 139 14.57 -29.50 11.30
C THR A 139 13.53 -28.47 10.92
N GLY A 140 12.39 -28.93 10.40
CA GLY A 140 11.37 -27.98 9.95
C GLY A 140 11.07 -26.92 10.99
N SER A 141 10.84 -27.35 12.21
CA SER A 141 10.66 -26.39 13.28
C SER A 141 11.75 -26.45 14.31
N GLY A 142 12.27 -27.61 14.56
CA GLY A 142 13.35 -27.69 15.52
C GLY A 142 14.50 -26.79 15.15
N PHE A 143 14.72 -26.56 13.88
CA PHE A 143 15.77 -25.67 13.50
C PHE A 143 15.20 -24.41 12.97
N GLY A 144 14.05 -24.55 12.34
CA GLY A 144 13.40 -23.43 11.72
C GLY A 144 12.99 -22.36 12.71
N SER A 145 12.65 -22.76 13.92
CA SER A 145 12.33 -21.78 14.92
C SER A 145 13.54 -21.12 15.56
N LYS A 146 14.72 -21.71 15.51
CA LYS A 146 15.82 -20.90 15.98
C LYS A 146 16.25 -19.93 14.92
N ILE A 147 16.00 -20.28 13.67
CA ILE A 147 16.20 -19.31 12.63
C ILE A 147 15.23 -18.15 12.80
N LEU A 148 13.96 -18.45 12.96
CA LEU A 148 12.99 -17.38 13.07
C LEU A 148 13.37 -16.45 14.18
N LYS A 149 13.85 -16.99 15.28
CA LYS A 149 14.22 -16.12 16.37
C LYS A 149 15.46 -15.34 16.03
N THR A 150 16.48 -15.97 15.47
CA THR A 150 17.70 -15.22 15.27
C THR A 150 17.52 -14.13 14.23
N ILE A 151 16.72 -14.38 13.22
CA ILE A 151 16.48 -13.36 12.22
C ILE A 151 15.91 -12.13 12.89
N ARG A 152 14.88 -12.29 13.75
CA ARG A 152 14.35 -11.06 14.33
C ARG A 152 15.34 -10.43 15.24
N GLU A 153 16.20 -11.20 15.85
CA GLU A 153 17.17 -10.53 16.68
C GLU A 153 18.11 -9.64 15.86
N ARG A 154 18.56 -10.10 14.68
CA ARG A 154 19.52 -9.29 13.93
C ARG A 154 18.87 -8.32 12.96
N TYR A 155 17.64 -8.55 12.54
CA TYR A 155 16.94 -7.64 11.64
C TYR A 155 15.59 -7.26 12.23
N PRO A 156 15.58 -6.45 13.27
CA PRO A 156 14.35 -6.24 14.04
C PRO A 156 13.25 -5.55 13.30
N LYS A 157 13.55 -4.73 12.35
CA LYS A 157 12.51 -3.99 11.67
C LYS A 157 12.10 -4.63 10.37
N VAL A 158 12.65 -5.79 10.03
CA VAL A 158 12.40 -6.42 8.76
C VAL A 158 11.32 -7.47 8.94
N PRO A 159 10.22 -7.40 8.25
CA PRO A 159 9.12 -8.28 8.53
C PRO A 159 9.41 -9.70 8.08
N ILE A 160 9.00 -10.68 8.88
CA ILE A 160 9.11 -12.08 8.50
C ILE A 160 7.75 -12.64 8.27
N PHE A 161 7.51 -13.09 7.07
CA PHE A 161 6.26 -13.67 6.66
C PHE A 161 6.53 -15.15 6.49
N THR A 162 5.73 -15.99 7.11
CA THR A 162 6.08 -17.38 7.04
C THR A 162 4.98 -18.17 6.46
N PHE A 163 5.36 -19.26 5.89
CA PHE A 163 4.44 -20.26 5.44
C PHE A 163 4.77 -21.50 6.20
N SER A 164 3.80 -22.15 6.79
CA SER A 164 4.18 -23.29 7.55
C SER A 164 3.17 -24.38 7.42
N ILE A 165 3.64 -25.60 7.52
CA ILE A 165 2.84 -26.77 7.32
C ILE A 165 2.56 -27.46 8.64
N PHE A 166 1.31 -27.63 8.92
CA PHE A 166 1.00 -28.38 10.11
C PHE A 166 0.70 -29.80 9.73
N PRO A 167 1.20 -30.70 10.54
CA PRO A 167 1.09 -32.12 10.25
C PRO A 167 -0.35 -32.55 10.33
N SER A 168 -0.66 -33.64 9.65
CA SER A 168 -2.01 -34.18 9.69
C SER A 168 -2.35 -34.55 11.11
N PRO A 169 -3.58 -34.33 11.55
CA PRO A 169 -3.94 -34.80 12.88
C PRO A 169 -3.59 -36.27 13.04
N LYS A 170 -3.39 -36.96 11.93
CA LYS A 170 -3.03 -38.35 12.01
C LYS A 170 -1.79 -38.52 12.86
N ILE A 171 -1.79 -39.56 13.68
CA ILE A 171 -0.68 -39.80 14.59
C ILE A 171 0.34 -40.73 13.97
N SER A 172 0.18 -41.01 12.66
CA SER A 172 1.15 -41.85 11.97
C SER A 172 2.55 -41.29 12.12
N GLU A 173 2.67 -39.98 12.32
CA GLU A 173 3.94 -39.34 12.53
C GLU A 173 4.39 -39.54 13.96
N THR A 174 5.63 -39.16 14.24
CA THR A 174 6.15 -39.29 15.58
C THR A 174 5.16 -38.71 16.57
N VAL A 175 5.00 -39.39 17.71
CA VAL A 175 4.00 -38.98 18.68
C VAL A 175 4.53 -37.88 19.59
N VAL A 176 5.72 -37.37 19.32
CA VAL A 176 6.22 -36.22 20.04
C VAL A 176 5.81 -34.95 19.34
N GLU A 177 4.92 -35.07 18.39
CA GLU A 177 4.53 -33.91 17.61
C GLU A 177 4.02 -32.79 18.46
N PRO A 178 3.14 -33.00 19.44
CA PRO A 178 2.69 -31.85 20.20
C PRO A 178 3.83 -31.07 20.78
N TYR A 179 4.79 -31.75 21.36
CA TYR A 179 5.91 -31.06 21.91
C TYR A 179 6.60 -30.21 20.88
N ASN A 180 6.47 -30.57 19.61
CA ASN A 180 7.06 -29.75 18.58
C ASN A 180 6.10 -28.67 18.20
N ALA A 181 4.86 -29.03 18.01
CA ALA A 181 3.90 -28.11 17.46
C ALA A 181 3.73 -26.93 18.37
N ILE A 182 3.71 -27.16 19.66
CA ILE A 182 3.41 -26.05 20.50
C ILE A 182 4.63 -25.19 20.66
N MET A 183 5.82 -25.77 20.69
CA MET A 183 6.97 -24.90 20.75
C MET A 183 7.11 -24.12 19.45
N THR A 184 6.72 -24.73 18.35
CA THR A 184 6.72 -24.04 17.09
C THR A 184 5.75 -22.89 17.09
N LEU A 185 4.52 -23.11 17.54
CA LEU A 185 3.60 -21.99 17.60
C LEU A 185 4.14 -20.92 18.49
N SER A 186 4.71 -21.28 19.61
CA SER A 186 5.20 -20.25 20.50
C SER A 186 6.09 -19.32 19.75
N ASN A 187 7.03 -19.87 19.03
CA ASN A 187 7.90 -18.92 18.38
C ASN A 187 7.23 -18.24 17.20
N LEU A 188 6.25 -18.86 16.56
CA LEU A 188 5.63 -18.14 15.47
C LEU A 188 4.80 -16.97 15.98
N ILE A 189 4.06 -17.17 17.07
CA ILE A 189 3.25 -16.10 17.67
C ILE A 189 4.15 -15.02 18.13
N LYS A 190 5.29 -15.38 18.67
CA LYS A 190 6.17 -14.44 19.31
C LYS A 190 7.01 -13.65 18.33
N TYR A 191 7.39 -14.21 17.19
CA TYR A 191 8.33 -13.52 16.32
C TYR A 191 7.89 -13.24 14.90
N ALA A 192 6.98 -13.97 14.33
CA ALA A 192 6.65 -13.73 12.94
C ALA A 192 5.73 -12.54 12.81
N SER A 193 5.79 -11.89 11.67
CA SER A 193 4.85 -10.83 11.44
C SER A 193 3.56 -11.40 11.00
N CYS A 194 3.60 -12.37 10.13
CA CYS A 194 2.41 -13.07 9.70
C CYS A 194 2.74 -14.50 9.44
N SER A 195 1.74 -15.32 9.34
CA SER A 195 2.00 -16.65 8.88
C SER A 195 0.79 -17.23 8.21
N ILE A 196 1.01 -18.07 7.23
CA ILE A 196 -0.08 -18.77 6.57
C ILE A 196 -0.14 -20.14 7.14
N VAL A 197 -1.29 -20.51 7.64
CA VAL A 197 -1.42 -21.80 8.27
C VAL A 197 -1.94 -22.74 7.23
N LEU A 198 -1.12 -23.67 6.81
CA LEU A 198 -1.57 -24.69 5.88
C LEU A 198 -1.61 -26.01 6.62
N ASP A 199 -2.77 -26.65 6.62
CA ASP A 199 -2.98 -27.88 7.36
C ASP A 199 -3.03 -29.03 6.36
N ASN A 200 -2.19 -30.03 6.54
CA ASN A 200 -2.19 -31.11 5.58
C ASN A 200 -3.57 -31.75 5.47
N GLU A 201 -4.39 -31.65 6.49
CA GLU A 201 -5.70 -32.25 6.35
C GLU A 201 -6.47 -31.58 5.27
N ALA A 202 -6.34 -30.27 5.18
CA ALA A 202 -7.07 -29.52 4.17
C ALA A 202 -6.55 -29.82 2.79
N LEU A 203 -5.23 -29.82 2.65
CA LEU A 203 -4.66 -30.11 1.36
C LEU A 203 -5.09 -31.48 0.92
N PHE A 204 -5.21 -32.37 1.87
CA PHE A 204 -5.52 -33.72 1.55
C PHE A 204 -6.93 -33.83 1.08
N SER A 205 -7.85 -33.22 1.80
CA SER A 205 -9.24 -33.42 1.41
C SER A 205 -9.54 -32.68 0.14
N ILE A 206 -8.86 -31.58 -0.12
CA ILE A 206 -9.01 -30.93 -1.40
C ILE A 206 -8.54 -31.86 -2.51
N ALA A 207 -7.38 -32.47 -2.34
CA ALA A 207 -6.91 -33.34 -3.38
C ALA A 207 -7.88 -34.47 -3.62
N GLU A 208 -8.51 -34.97 -2.56
CA GLU A 208 -9.41 -36.09 -2.78
C GLU A 208 -10.67 -35.66 -3.46
N LYS A 209 -11.20 -34.50 -3.09
CA LYS A 209 -12.54 -34.13 -3.49
C LYS A 209 -12.63 -33.28 -4.74
N LYS A 210 -11.65 -32.43 -5.00
CA LYS A 210 -11.76 -31.53 -6.12
C LYS A 210 -10.75 -31.79 -7.20
N LEU A 211 -9.57 -32.24 -6.87
CA LEU A 211 -8.57 -32.51 -7.87
C LEU A 211 -8.61 -33.95 -8.34
N GLU A 212 -9.55 -34.74 -7.84
CA GLU A 212 -9.79 -36.09 -8.27
C GLU A 212 -8.57 -36.99 -8.16
N VAL A 213 -7.90 -36.93 -7.04
CA VAL A 213 -6.74 -37.75 -6.80
C VAL A 213 -7.13 -38.94 -5.95
N GLU A 214 -6.89 -40.15 -6.46
CA GLU A 214 -7.38 -41.37 -5.79
C GLU A 214 -6.75 -41.56 -4.42
N ASN A 215 -5.50 -41.27 -4.32
CA ASN A 215 -4.89 -41.45 -3.03
C ASN A 215 -3.72 -40.49 -2.90
N PRO A 216 -3.97 -39.29 -2.45
CA PRO A 216 -3.00 -38.23 -2.63
C PRO A 216 -1.70 -38.59 -1.97
N SER A 217 -0.63 -38.37 -2.68
CA SER A 217 0.69 -38.60 -2.17
C SER A 217 1.21 -37.30 -1.65
N LEU A 218 2.32 -37.38 -0.94
CA LEU A 218 2.89 -36.16 -0.43
C LEU A 218 3.28 -35.25 -1.58
N GLU A 219 3.74 -35.82 -2.67
CA GLU A 219 4.16 -35.01 -3.78
C GLU A 219 3.01 -34.32 -4.46
N ASP A 220 1.79 -34.79 -4.29
CA ASP A 220 0.65 -34.10 -4.87
C ASP A 220 0.24 -32.92 -4.01
N LEU A 221 0.28 -33.10 -2.72
CA LEU A 221 -0.07 -32.03 -1.83
C LEU A 221 0.85 -30.87 -2.05
N ASN A 222 2.12 -31.13 -2.27
CA ASN A 222 3.06 -30.07 -2.51
C ASN A 222 2.68 -29.18 -3.66
N LEU A 223 1.93 -29.68 -4.61
CA LEU A 223 1.57 -28.81 -5.71
C LEU A 223 0.48 -27.85 -5.33
N ILE A 224 -0.43 -28.24 -4.45
CA ILE A 224 -1.42 -27.28 -4.01
C ILE A 224 -0.71 -26.19 -3.27
N ILE A 225 0.24 -26.57 -2.44
CA ILE A 225 0.98 -25.58 -1.71
C ILE A 225 1.68 -24.67 -2.66
N ALA A 226 2.32 -25.24 -3.66
CA ALA A 226 3.09 -24.39 -4.53
C ALA A 226 2.20 -23.41 -5.23
N GLN A 227 1.03 -23.83 -5.63
CA GLN A 227 0.15 -22.91 -6.32
C GLN A 227 -0.27 -21.78 -5.38
N VAL A 228 -0.54 -22.09 -4.11
CA VAL A 228 -0.86 -21.03 -3.14
C VAL A 228 0.32 -20.09 -2.92
N LEU A 229 1.50 -20.60 -2.72
CA LEU A 229 2.65 -19.72 -2.58
C LEU A 229 2.87 -18.87 -3.79
N THR A 230 2.79 -19.44 -4.96
CA THR A 230 3.04 -18.70 -6.18
C THR A 230 2.03 -17.59 -6.35
N ASN A 231 0.76 -17.90 -6.18
CA ASN A 231 -0.25 -16.87 -6.38
C ASN A 231 -0.21 -15.84 -5.26
N VAL A 232 -0.02 -16.26 -4.03
CA VAL A 232 -0.01 -15.30 -2.93
C VAL A 232 1.11 -14.32 -3.12
N THR A 233 2.25 -14.81 -3.56
CA THR A 233 3.41 -13.98 -3.76
C THR A 233 3.27 -13.10 -4.98
N ALA A 234 2.36 -13.43 -5.88
CA ALA A 234 2.27 -12.71 -7.16
C ALA A 234 1.99 -11.22 -7.00
N SER A 235 1.25 -10.82 -6.00
CA SER A 235 0.99 -9.41 -5.85
C SER A 235 2.24 -8.64 -5.60
N LEU A 236 3.30 -9.29 -5.23
CA LEU A 236 4.56 -8.65 -4.98
C LEU A 236 5.46 -8.66 -6.19
N ARG A 237 5.03 -9.26 -7.26
CA ARG A 237 5.88 -9.39 -8.42
C ARG A 237 5.33 -8.72 -9.65
N PHE A 238 4.07 -8.75 -9.86
CA PHE A 238 3.47 -8.19 -11.02
C PHE A 238 2.60 -7.04 -10.56
N SER A 239 3.02 -5.82 -10.83
CA SER A 239 2.27 -4.68 -10.33
C SER A 239 0.86 -4.69 -10.87
N GLY A 240 -0.09 -4.45 -9.98
CA GLY A 240 -1.50 -4.39 -10.30
C GLY A 240 -2.17 -3.07 -9.93
N THR A 241 -3.45 -3.11 -9.57
CA THR A 241 -4.21 -1.91 -9.33
C THR A 241 -3.98 -1.31 -7.95
N LEU A 242 -3.49 -2.06 -6.99
CA LEU A 242 -3.17 -1.51 -5.68
C LEU A 242 -1.68 -1.68 -5.47
N ASN A 243 -1.03 -0.68 -4.93
CA ASN A 243 0.42 -0.78 -4.83
C ASN A 243 0.80 -1.50 -3.55
N LEU A 244 0.74 -2.83 -3.59
CA LEU A 244 1.03 -3.58 -2.39
C LEU A 244 2.43 -4.14 -2.42
N ASP A 245 3.00 -4.35 -1.24
CA ASP A 245 4.28 -5.01 -1.12
C ASP A 245 4.22 -5.88 0.13
N LEU A 246 5.35 -6.45 0.54
CA LEU A 246 5.27 -7.40 1.65
C LEU A 246 4.97 -6.72 2.96
N GLY A 247 5.57 -5.56 3.20
CA GLY A 247 5.32 -4.87 4.45
C GLY A 247 3.88 -4.40 4.52
N LYS A 248 3.35 -4.01 3.39
CA LYS A 248 2.02 -3.50 3.40
C LYS A 248 1.02 -4.62 3.58
N LEU A 249 1.33 -5.81 3.10
CA LEU A 249 0.39 -6.89 3.32
C LEU A 249 0.30 -7.18 4.78
N VAL A 250 1.44 -7.15 5.45
CA VAL A 250 1.41 -7.39 6.87
C VAL A 250 0.52 -6.39 7.55
N THR A 251 0.66 -5.12 7.20
CA THR A 251 -0.16 -4.12 7.88
C THR A 251 -1.63 -4.27 7.58
N ASN A 252 -2.01 -4.57 6.36
CA ASN A 252 -3.44 -4.65 6.06
C ASN A 252 -4.11 -5.88 6.63
N LEU A 253 -3.43 -6.98 6.86
CA LEU A 253 -4.18 -8.11 7.36
C LEU A 253 -4.04 -8.39 8.84
N VAL A 254 -3.17 -7.72 9.57
CA VAL A 254 -3.00 -8.02 10.98
C VAL A 254 -3.27 -6.83 11.89
N PRO A 255 -4.46 -6.71 12.43
CA PRO A 255 -4.80 -5.57 13.25
C PRO A 255 -4.31 -5.63 14.63
N PHE A 256 -4.03 -6.78 15.16
CA PHE A 256 -3.48 -6.80 16.48
C PHE A 256 -2.26 -7.68 16.48
N SER A 257 -1.31 -7.37 17.34
CA SER A 257 -0.28 -8.36 17.48
C SER A 257 -0.92 -9.62 18.04
N ASN A 258 -0.34 -10.74 17.71
CA ASN A 258 -0.80 -12.01 18.21
C ASN A 258 -2.03 -12.51 17.53
N LEU A 259 -2.60 -11.81 16.56
CA LEU A 259 -3.68 -12.40 15.78
C LEU A 259 -3.33 -12.39 14.31
N HIS A 260 -2.14 -12.87 13.99
CA HIS A 260 -1.59 -12.76 12.67
C HIS A 260 -1.58 -14.04 11.94
N PHE A 261 -2.30 -15.00 12.37
CA PHE A 261 -2.39 -16.20 11.61
C PHE A 261 -3.43 -16.07 10.55
N LEU A 262 -3.06 -16.32 9.30
CA LEU A 262 -3.92 -16.10 8.16
C LEU A 262 -4.32 -17.38 7.45
N MET A 263 -5.50 -17.39 6.91
CA MET A 263 -5.94 -18.46 6.07
C MET A 263 -5.57 -18.14 4.65
N ALA A 264 -5.51 -19.15 3.81
CA ALA A 264 -5.29 -18.92 2.40
C ALA A 264 -6.15 -19.83 1.58
N SER A 265 -6.46 -19.40 0.39
CA SER A 265 -7.28 -20.16 -0.53
C SER A 265 -6.96 -19.75 -1.92
N THR A 266 -6.98 -20.67 -2.87
CA THR A 266 -6.76 -20.28 -4.25
C THR A 266 -7.60 -21.10 -5.17
N ALA A 267 -7.86 -20.57 -6.36
CA ALA A 267 -8.68 -21.27 -7.30
C ALA A 267 -8.41 -20.72 -8.68
N PRO A 268 -8.57 -21.50 -9.72
CA PRO A 268 -8.92 -22.86 -9.78
C PRO A 268 -7.68 -23.48 -9.35
N LEU A 269 -7.76 -24.63 -8.72
CA LEU A 269 -6.58 -25.32 -8.25
C LEU A 269 -6.30 -26.40 -9.27
N VAL A 270 -5.10 -26.39 -9.81
CA VAL A 270 -4.79 -27.25 -10.94
C VAL A 270 -3.52 -28.04 -10.66
N LEU A 271 -3.60 -29.35 -10.82
CA LEU A 271 -2.43 -30.22 -10.69
C LEU A 271 -1.80 -30.44 -12.07
N ALA A 272 -0.55 -30.92 -12.03
CA ALA A 272 0.32 -31.02 -13.21
C ALA A 272 -0.26 -31.92 -14.29
N GLY A 273 -1.20 -32.79 -13.95
CA GLY A 273 -1.82 -33.65 -14.95
C GLY A 273 -2.62 -32.90 -15.99
N LYS A 274 -3.13 -31.71 -15.63
CA LYS A 274 -3.88 -30.85 -16.56
C LYS A 274 -5.03 -31.59 -17.19
N GLU A 275 -5.80 -32.29 -16.34
CA GLU A 275 -6.90 -33.12 -16.80
C GLU A 275 -8.06 -32.32 -17.40
N SER A 276 -8.32 -31.12 -16.90
CA SER A 276 -9.48 -30.35 -17.31
C SER A 276 -9.10 -29.00 -17.92
N TYR A 277 -9.99 -28.50 -18.78
CA TYR A 277 -9.88 -27.16 -19.31
C TYR A 277 -10.30 -26.17 -18.24
N GLU A 278 -9.53 -25.11 -18.05
CA GLU A 278 -9.78 -24.20 -16.94
C GLU A 278 -10.27 -22.83 -17.42
N LYS A 279 -11.59 -22.65 -17.36
CA LYS A 279 -12.27 -21.40 -17.65
C LYS A 279 -13.45 -21.28 -16.69
N MET A 280 -13.52 -20.16 -16.00
CA MET A 280 -14.57 -19.90 -15.05
C MET A 280 -14.93 -18.43 -15.19
N THR A 281 -16.14 -18.07 -14.81
CA THR A 281 -16.50 -16.67 -14.70
C THR A 281 -16.05 -16.10 -13.38
N ALA A 282 -16.02 -14.78 -13.27
CA ALA A 282 -15.64 -14.20 -11.99
C ALA A 282 -16.57 -14.64 -10.89
N LYS A 283 -17.85 -14.81 -11.20
CA LYS A 283 -18.81 -15.14 -10.15
C LYS A 283 -18.57 -16.54 -9.61
N GLU A 284 -18.37 -17.52 -10.50
CA GLU A 284 -18.10 -18.86 -10.04
C GLU A 284 -16.83 -18.89 -9.24
N LEU A 285 -15.84 -18.16 -9.70
CA LEU A 285 -14.55 -18.24 -9.08
C LEU A 285 -14.57 -17.62 -7.70
N SER A 286 -15.29 -16.52 -7.53
CA SER A 286 -15.35 -15.92 -6.22
C SER A 286 -16.10 -16.79 -5.26
N ALA A 287 -17.22 -17.36 -5.69
CA ALA A 287 -17.97 -18.21 -4.78
C ALA A 287 -17.13 -19.38 -4.29
N GLN A 288 -16.30 -19.94 -5.15
CA GLN A 288 -15.47 -21.03 -4.68
C GLN A 288 -14.35 -20.56 -3.79
N VAL A 289 -13.68 -19.46 -4.09
CA VAL A 289 -12.52 -19.20 -3.26
C VAL A 289 -12.92 -18.91 -1.83
N PHE A 290 -14.12 -18.41 -1.59
CA PHE A 290 -14.58 -18.07 -0.25
C PHE A 290 -15.43 -19.14 0.35
N GLY A 291 -15.60 -20.25 -0.29
CA GLY A 291 -16.32 -21.32 0.31
C GLY A 291 -15.44 -22.09 1.25
N ASP A 292 -16.02 -23.06 1.91
CA ASP A 292 -15.25 -23.84 2.83
C ASP A 292 -14.41 -24.85 2.11
N GLU A 293 -14.84 -25.20 0.91
CA GLU A 293 -14.27 -26.31 0.19
C GLU A 293 -12.81 -26.12 -0.11
N TYR A 294 -12.36 -24.89 -0.26
CA TYR A 294 -11.02 -24.70 -0.71
C TYR A 294 -10.13 -24.09 0.33
N ILE A 295 -10.47 -24.12 1.59
CA ILE A 295 -9.68 -23.38 2.56
C ILE A 295 -8.57 -24.26 3.07
N CYS A 296 -7.34 -23.79 2.96
CA CYS A 296 -6.18 -24.62 3.23
C CYS A 296 -5.91 -24.77 4.70
N ALA A 297 -6.63 -24.08 5.53
CA ALA A 297 -6.48 -24.24 6.95
C ALA A 297 -7.45 -25.23 7.55
N ALA A 298 -8.39 -25.76 6.76
CA ALA A 298 -9.40 -26.70 7.23
C ALA A 298 -10.27 -26.13 8.34
N CYS A 299 -10.70 -24.89 8.20
CA CYS A 299 -11.31 -24.20 9.31
C CYS A 299 -12.76 -23.83 9.15
N LYS A 300 -13.34 -24.05 8.01
CA LYS A 300 -14.72 -23.65 7.78
C LYS A 300 -15.02 -22.19 8.06
N PRO A 301 -14.29 -21.25 7.46
CA PRO A 301 -14.52 -19.82 7.70
C PRO A 301 -15.69 -19.27 6.94
N THR A 302 -16.79 -19.94 7.07
CA THR A 302 -18.05 -19.53 6.54
C THR A 302 -19.00 -19.45 7.65
N THR A 303 -18.64 -19.96 8.80
CA THR A 303 -19.45 -19.90 9.96
C THR A 303 -18.94 -18.92 11.00
N GLY A 304 -17.68 -18.53 10.95
CA GLY A 304 -17.13 -17.52 11.82
C GLY A 304 -17.14 -16.19 11.13
N ARG A 305 -16.29 -15.29 11.58
CA ARG A 305 -16.28 -13.97 10.99
C ARG A 305 -14.86 -13.54 10.71
N TYR A 306 -14.70 -12.75 9.65
CA TYR A 306 -13.40 -12.25 9.21
C TYR A 306 -13.06 -10.98 9.94
N LEU A 307 -11.80 -10.79 10.17
CA LEU A 307 -11.35 -9.57 10.75
C LEU A 307 -10.72 -8.67 9.71
N ALA A 308 -10.07 -9.24 8.71
CA ALA A 308 -9.46 -8.52 7.60
C ALA A 308 -9.25 -9.50 6.47
N ALA A 309 -9.31 -9.01 5.24
CA ALA A 309 -9.14 -9.92 4.12
C ALA A 309 -8.82 -9.17 2.85
N SER A 310 -8.25 -9.87 1.88
CA SER A 310 -7.89 -9.30 0.59
C SER A 310 -7.89 -10.32 -0.53
N VAL A 311 -8.31 -9.90 -1.71
CA VAL A 311 -8.46 -10.78 -2.85
C VAL A 311 -7.76 -10.19 -4.03
N LEU A 312 -6.90 -10.94 -4.66
CA LEU A 312 -6.28 -10.54 -5.92
C LEU A 312 -6.78 -11.40 -7.05
N PHE A 313 -7.17 -10.78 -8.12
CA PHE A 313 -7.54 -11.51 -9.29
C PHE A 313 -6.37 -11.50 -10.25
N ARG A 314 -5.95 -12.65 -10.70
CA ARG A 314 -4.88 -12.73 -11.65
C ARG A 314 -5.44 -13.15 -12.99
N GLY A 315 -5.36 -12.26 -13.97
CA GLY A 315 -5.90 -12.51 -15.29
C GLY A 315 -6.84 -11.42 -15.71
N ALA A 316 -7.38 -11.55 -16.89
CA ALA A 316 -8.22 -10.50 -17.41
C ALA A 316 -9.64 -10.81 -17.02
N VAL A 317 -10.19 -10.00 -16.14
CA VAL A 317 -11.52 -10.21 -15.62
C VAL A 317 -12.24 -8.89 -15.66
N LYS A 318 -13.53 -8.93 -16.00
CA LYS A 318 -14.29 -7.70 -16.09
C LYS A 318 -14.54 -7.12 -14.71
N THR A 319 -14.34 -5.80 -14.59
CA THR A 319 -14.57 -5.09 -13.33
C THR A 319 -16.01 -5.14 -12.89
N SER A 320 -16.93 -5.02 -13.83
CA SER A 320 -18.32 -5.14 -13.49
C SER A 320 -18.66 -6.47 -12.82
N ASP A 321 -18.15 -7.57 -13.39
CA ASP A 321 -18.42 -8.88 -12.82
C ASP A 321 -17.75 -9.05 -11.48
N VAL A 322 -16.56 -8.50 -11.32
CA VAL A 322 -15.92 -8.62 -10.04
C VAL A 322 -16.72 -7.94 -8.98
N ASN A 323 -17.20 -6.75 -9.24
CA ASN A 323 -17.89 -6.10 -8.16
C ASN A 323 -19.19 -6.79 -7.83
N GLU A 324 -19.89 -7.31 -8.82
CA GLU A 324 -21.09 -8.05 -8.42
C GLU A 324 -20.74 -9.30 -7.64
N ALA A 325 -19.72 -10.02 -8.08
CA ALA A 325 -19.32 -11.23 -7.38
C ALA A 325 -18.93 -10.92 -5.94
N MET A 326 -18.22 -9.84 -5.74
CA MET A 326 -17.77 -9.54 -4.39
C MET A 326 -18.88 -8.98 -3.53
N ALA A 327 -19.85 -8.32 -4.12
CA ALA A 327 -21.02 -7.98 -3.35
C ALA A 327 -21.71 -9.22 -2.84
N THR A 328 -21.82 -10.25 -3.68
CA THR A 328 -22.45 -11.47 -3.21
C THR A 328 -21.70 -12.06 -2.04
N VAL A 329 -20.38 -12.08 -2.13
CA VAL A 329 -19.62 -12.57 -1.00
C VAL A 329 -19.94 -11.79 0.27
N LYS A 330 -19.95 -10.47 0.20
CA LYS A 330 -20.14 -9.72 1.44
C LYS A 330 -21.48 -10.02 2.06
N GLU A 331 -22.47 -10.37 1.29
CA GLU A 331 -23.69 -10.76 1.95
C GLU A 331 -23.63 -12.17 2.51
N GLN A 332 -22.82 -13.05 1.95
CA GLN A 332 -22.76 -14.44 2.45
C GLN A 332 -22.03 -14.58 3.77
N ASN A 333 -21.03 -13.77 4.07
CA ASN A 333 -20.33 -13.85 5.34
C ASN A 333 -20.32 -12.50 6.08
N SER A 334 -19.46 -12.26 7.07
CA SER A 334 -19.44 -10.95 7.70
C SER A 334 -18.11 -10.65 8.37
N PHE A 335 -17.89 -9.36 8.72
CA PHE A 335 -16.62 -8.83 9.26
C PHE A 335 -16.70 -8.11 10.64
N VAL A 336 -15.60 -8.13 11.37
CA VAL A 336 -15.55 -7.92 12.82
C VAL A 336 -15.03 -6.54 13.13
N ASN A 337 -15.49 -5.96 14.26
CA ASN A 337 -15.18 -4.63 14.80
C ASN A 337 -15.41 -3.52 13.80
N TRP A 338 -16.21 -3.83 12.81
CA TRP A 338 -16.51 -2.95 11.77
C TRP A 338 -15.29 -2.21 11.27
N ILE A 339 -14.17 -2.90 11.12
CA ILE A 339 -13.06 -2.26 10.44
C ILE A 339 -13.60 -1.83 9.08
N PRO A 340 -13.81 -0.54 8.86
CA PRO A 340 -14.51 -0.09 7.67
C PRO A 340 -13.76 -0.34 6.40
N THR A 341 -12.46 -0.49 6.53
CA THR A 341 -11.57 -0.66 5.42
C THR A 341 -11.08 -2.09 5.31
N GLY A 342 -11.78 -3.02 5.95
CA GLY A 342 -11.23 -4.32 6.21
C GLY A 342 -11.05 -5.20 4.99
N PHE A 343 -11.82 -4.98 3.94
CA PHE A 343 -11.77 -5.85 2.77
C PHE A 343 -11.25 -5.14 1.53
N LYS A 344 -10.23 -5.69 0.91
CA LYS A 344 -9.59 -5.13 -0.26
C LYS A 344 -9.69 -6.05 -1.47
N ILE A 345 -9.88 -5.48 -2.67
CA ILE A 345 -9.91 -6.21 -3.92
C ILE A 345 -8.90 -5.56 -4.83
N SER A 346 -8.04 -6.35 -5.46
CA SER A 346 -7.08 -5.81 -6.42
C SER A 346 -7.04 -6.68 -7.66
N LYS A 347 -6.51 -6.14 -8.74
CA LYS A 347 -6.38 -6.88 -9.98
C LYS A 347 -4.99 -6.71 -10.59
N SER A 348 -4.55 -7.73 -11.32
CA SER A 348 -3.30 -7.66 -12.06
C SER A 348 -3.45 -8.54 -13.30
N GLU A 349 -2.99 -8.03 -14.44
CA GLU A 349 -3.34 -8.67 -15.72
C GLU A 349 -2.59 -9.95 -16.04
N THR A 350 -1.46 -10.25 -15.45
CA THR A 350 -0.76 -11.43 -15.92
C THR A 350 -1.50 -12.68 -15.53
N SER A 351 -1.78 -13.51 -16.50
CA SER A 351 -2.53 -14.73 -16.25
C SER A 351 -1.62 -15.73 -15.58
N PRO A 352 -2.03 -16.35 -14.49
CA PRO A 352 -1.23 -17.43 -13.96
C PRO A 352 -1.35 -18.56 -14.95
N LYS A 353 -0.22 -19.17 -15.30
CA LYS A 353 -0.22 -20.19 -16.34
C LYS A 353 -1.08 -21.35 -15.92
N ASP A 354 -1.62 -22.06 -16.90
CA ASP A 354 -2.46 -23.20 -16.70
C ASP A 354 -3.86 -22.78 -16.30
N SER A 355 -4.20 -21.51 -16.50
CA SER A 355 -5.54 -21.09 -16.13
C SER A 355 -5.91 -19.82 -16.87
N ALA A 356 -7.21 -19.66 -17.12
CA ALA A 356 -7.67 -18.42 -17.73
C ALA A 356 -7.70 -17.30 -16.71
N LEU A 357 -8.19 -17.61 -15.52
CA LEU A 357 -8.35 -16.60 -14.51
C LEU A 357 -8.16 -17.25 -13.17
N GLY A 358 -7.39 -16.65 -12.32
CA GLY A 358 -7.19 -17.22 -11.01
C GLY A 358 -7.45 -16.25 -9.90
N VAL A 359 -7.68 -16.71 -8.69
CA VAL A 359 -8.02 -15.83 -7.61
C VAL A 359 -7.31 -16.28 -6.36
N ILE A 360 -6.82 -15.33 -5.60
CA ILE A 360 -6.12 -15.59 -4.38
C ILE A 360 -6.89 -14.98 -3.26
N MET A 361 -7.13 -15.71 -2.20
CA MET A 361 -7.80 -15.04 -1.11
C MET A 361 -7.05 -15.29 0.17
N LEU A 362 -6.81 -14.22 0.89
CA LEU A 362 -6.15 -14.31 2.16
C LEU A 362 -7.08 -13.73 3.16
N GLY A 363 -7.02 -14.21 4.36
CA GLY A 363 -7.87 -13.62 5.36
C GLY A 363 -7.37 -13.89 6.75
N ASN A 364 -7.67 -12.99 7.59
CA ASN A 364 -7.56 -13.17 9.00
C ASN A 364 -8.93 -13.49 9.50
N ASN A 365 -9.16 -14.71 9.90
CA ASN A 365 -10.48 -15.12 10.33
C ASN A 365 -10.39 -15.84 11.65
N SER A 366 -11.32 -15.58 12.53
CA SER A 366 -11.22 -16.11 13.86
C SER A 366 -11.50 -17.60 13.94
N GLU A 367 -12.04 -18.22 12.90
CA GLU A 367 -12.12 -19.67 12.97
C GLU A 367 -10.80 -20.34 12.84
N ILE A 368 -9.74 -19.60 12.56
CA ILE A 368 -8.44 -20.19 12.45
C ILE A 368 -8.01 -20.82 13.75
N VAL A 369 -8.63 -20.45 14.86
CA VAL A 369 -8.23 -21.04 16.12
C VAL A 369 -8.53 -22.52 16.19
N SER A 370 -9.40 -23.05 15.34
CA SER A 370 -9.62 -24.48 15.40
C SER A 370 -8.37 -25.27 15.08
N VAL A 371 -7.42 -24.72 14.38
CA VAL A 371 -6.17 -25.40 14.26
C VAL A 371 -5.48 -25.42 15.61
N PHE A 372 -5.54 -24.29 16.29
CA PHE A 372 -4.88 -24.16 17.57
C PHE A 372 -5.58 -24.98 18.63
N GLU A 373 -6.91 -25.15 18.50
CA GLU A 373 -7.64 -26.02 19.41
C GLU A 373 -7.20 -27.46 19.25
N ARG A 374 -7.00 -27.92 18.03
CA ARG A 374 -6.46 -29.25 17.84
C ARG A 374 -5.08 -29.40 18.49
N ILE A 375 -4.19 -28.43 18.32
CA ILE A 375 -2.87 -28.59 18.94
C ILE A 375 -3.01 -28.59 20.44
N GLY A 376 -3.82 -27.70 20.96
CA GLY A 376 -4.01 -27.70 22.39
C GLY A 376 -4.57 -29.02 22.87
N ALA A 377 -5.48 -29.59 22.11
CA ALA A 377 -6.07 -30.85 22.49
C ALA A 377 -5.01 -31.91 22.61
N ASN A 378 -4.03 -31.90 21.72
CA ASN A 378 -2.98 -32.90 21.88
C ASN A 378 -2.27 -32.70 23.19
N PHE A 379 -2.16 -31.46 23.62
CA PHE A 379 -1.51 -31.26 24.89
C PHE A 379 -2.36 -31.67 26.05
N ASP A 380 -3.60 -31.36 25.98
CA ASP A 380 -4.43 -31.68 27.11
C ASP A 380 -4.51 -33.19 27.29
N ARG A 381 -4.54 -33.95 26.19
CA ARG A 381 -4.52 -35.40 26.36
C ARG A 381 -3.18 -35.86 26.88
N LEU A 382 -2.08 -35.34 26.33
CA LEU A 382 -0.80 -35.80 26.82
C LEU A 382 -0.62 -35.44 28.27
N TRP A 383 -1.03 -34.25 28.67
CA TRP A 383 -0.73 -33.84 30.03
C TRP A 383 -1.76 -34.38 31.03
N SER A 384 -2.99 -34.68 30.60
CA SER A 384 -3.92 -35.33 31.52
C SER A 384 -3.46 -36.74 31.78
N ARG A 385 -2.81 -37.37 30.82
CA ARG A 385 -2.22 -38.66 31.11
C ARG A 385 -0.87 -38.57 31.79
N LYS A 386 0.00 -37.70 31.30
CA LYS A 386 1.33 -37.59 31.85
C LYS A 386 1.80 -36.13 31.83
N ALA A 387 1.52 -35.39 32.90
CA ALA A 387 1.87 -33.96 32.95
C ALA A 387 3.33 -33.77 33.36
N PHE A 388 4.22 -34.37 32.59
CA PHE A 388 5.61 -34.41 32.96
C PHE A 388 6.60 -34.08 31.86
N ALA A 389 6.16 -33.84 30.63
CA ALA A 389 7.08 -33.65 29.52
C ALA A 389 8.07 -34.81 29.47
N HIS A 390 7.53 -36.01 29.42
CA HIS A 390 8.26 -37.24 29.64
C HIS A 390 9.17 -37.58 28.48
N TRP A 391 9.02 -36.92 27.38
CA TRP A 391 9.94 -37.09 26.28
C TRP A 391 11.11 -36.17 26.37
N PHE A 392 11.14 -35.31 27.39
CA PHE A 392 12.12 -34.24 27.59
C PHE A 392 12.86 -34.38 28.92
N THR A 393 13.20 -35.59 29.33
CA THR A 393 13.77 -35.77 30.66
C THR A 393 15.27 -35.62 30.68
N ASP A 394 15.91 -35.54 29.52
CA ASP A 394 17.34 -35.34 29.42
C ASP A 394 17.79 -34.10 28.65
N SER A 395 17.63 -34.10 27.33
CA SER A 395 18.10 -33.02 26.49
C SER A 395 16.95 -32.18 25.94
N GLY A 396 15.74 -32.40 26.43
CA GLY A 396 14.56 -31.71 25.95
C GLY A 396 14.35 -30.41 26.68
N PHE A 397 13.14 -29.88 26.55
CA PHE A 397 12.77 -28.63 27.21
C PHE A 397 12.21 -28.89 28.58
N GLU A 398 12.39 -27.93 29.46
CA GLU A 398 11.86 -28.04 30.80
C GLU A 398 10.40 -27.68 30.79
N GLU A 399 9.72 -28.02 31.86
CA GLU A 399 8.30 -27.75 31.86
C GLU A 399 8.05 -26.27 31.66
N LYS A 400 8.89 -25.43 32.24
CA LYS A 400 8.68 -24.00 32.11
C LYS A 400 8.66 -23.55 30.66
N ASP A 401 9.33 -24.26 29.79
CA ASP A 401 9.33 -23.81 28.42
C ASP A 401 8.04 -24.16 27.82
N LEU A 402 7.50 -25.29 28.23
CA LEU A 402 6.21 -25.63 27.67
C LEU A 402 5.13 -24.77 28.32
N ASP A 403 5.40 -24.28 29.53
CA ASP A 403 4.51 -23.34 30.18
C ASP A 403 4.42 -22.08 29.38
N ASP A 404 5.57 -21.60 28.98
CA ASP A 404 5.53 -20.44 28.16
C ASP A 404 4.77 -20.72 26.90
N ALA A 405 5.07 -21.82 26.26
CA ALA A 405 4.48 -22.04 24.96
C ALA A 405 2.95 -22.13 25.03
N ARG A 406 2.41 -22.85 26.01
CA ARG A 406 0.95 -22.97 26.04
C ARG A 406 0.32 -21.67 26.46
N ALA A 407 0.98 -20.91 27.34
CA ALA A 407 0.39 -19.65 27.73
C ALA A 407 0.20 -18.76 26.54
N LEU A 408 1.20 -18.74 25.70
CA LEU A 408 1.09 -17.86 24.59
C LEU A 408 0.03 -18.35 23.64
N VAL A 409 -0.08 -19.66 23.48
CA VAL A 409 -1.07 -20.18 22.55
C VAL A 409 -2.46 -19.87 23.02
N GLN A 410 -2.69 -19.97 24.32
CA GLN A 410 -4.01 -19.65 24.82
C GLN A 410 -4.33 -18.20 24.59
N LYS A 411 -3.37 -17.30 24.75
CA LYS A 411 -3.76 -15.91 24.48
C LYS A 411 -4.23 -15.76 23.05
N VAL A 412 -3.61 -16.46 22.11
CA VAL A 412 -4.10 -16.30 20.75
C VAL A 412 -5.54 -16.77 20.61
N ILE A 413 -5.85 -17.92 21.17
CA ILE A 413 -7.19 -18.47 21.01
C ILE A 413 -8.19 -17.55 21.63
N ASP A 414 -7.88 -17.11 22.81
CA ASP A 414 -8.85 -16.35 23.57
C ASP A 414 -9.09 -14.98 22.95
N ASP A 415 -8.04 -14.31 22.50
CA ASP A 415 -8.25 -13.01 21.92
C ASP A 415 -9.09 -13.10 20.66
N TYR A 416 -8.87 -14.10 19.81
CA TYR A 416 -9.78 -14.17 18.67
C TYR A 416 -11.20 -14.30 19.11
N ARG A 417 -11.45 -15.15 20.07
CA ARG A 417 -12.84 -15.39 20.44
C ARG A 417 -13.46 -14.11 20.95
N LYS A 418 -12.71 -13.37 21.75
CA LYS A 418 -13.26 -12.16 22.34
C LYS A 418 -13.58 -11.15 21.29
N LEU A 419 -12.66 -10.90 20.37
CA LEU A 419 -12.92 -9.86 19.38
C LEU A 419 -14.12 -10.18 18.54
N THR A 420 -14.26 -11.41 18.13
CA THR A 420 -15.44 -11.70 17.34
C THR A 420 -16.70 -11.44 18.12
N GLU A 421 -16.79 -11.93 19.35
CA GLU A 421 -18.08 -11.84 20.05
C GLU A 421 -18.46 -10.40 20.39
N ASP A 422 -17.47 -9.55 20.59
CA ASP A 422 -17.68 -8.16 20.98
C ASP A 422 -18.29 -7.31 19.87
N ALA A 423 -18.25 -7.77 18.62
CA ALA A 423 -18.65 -6.96 17.47
C ALA A 423 -20.08 -7.29 16.99
N GLY B 2 11.62 38.39 -8.19
CA GLY B 2 11.51 36.98 -8.50
C GLY B 2 10.08 36.49 -8.57
N ARG B 3 9.46 36.37 -7.41
CA ARG B 3 8.13 35.83 -7.25
C ARG B 3 8.11 34.39 -7.70
N GLU B 4 9.13 33.67 -7.30
CA GLU B 4 9.29 32.30 -7.65
C GLU B 4 8.55 31.37 -6.73
N VAL B 5 8.21 30.20 -7.21
CA VAL B 5 7.52 29.22 -6.40
C VAL B 5 8.26 27.90 -6.48
N ILE B 6 8.42 27.23 -5.36
CA ILE B 6 9.11 25.97 -5.31
C ILE B 6 8.12 24.90 -4.99
N MET B 7 8.16 23.83 -5.71
CA MET B 7 7.20 22.78 -5.51
C MET B 7 7.88 21.57 -4.92
N LEU B 8 7.22 20.95 -3.96
CA LEU B 8 7.64 19.70 -3.40
C LEU B 8 6.62 18.65 -3.75
N HIS B 9 7.07 17.52 -4.19
CA HIS B 9 6.17 16.40 -4.41
C HIS B 9 6.59 15.24 -3.53
N VAL B 10 5.69 14.75 -2.68
CA VAL B 10 6.06 13.76 -1.70
C VAL B 10 5.23 12.51 -1.81
N GLY B 11 5.89 11.38 -1.92
CA GLY B 11 5.25 10.07 -1.95
C GLY B 11 4.75 9.72 -3.33
N GLN B 12 4.25 8.51 -3.53
CA GLN B 12 3.95 8.13 -4.90
C GLN B 12 2.92 9.02 -5.52
N ALA B 13 1.82 9.22 -4.86
CA ALA B 13 0.78 9.97 -5.51
C ALA B 13 1.29 11.37 -5.76
N GLY B 14 2.04 11.90 -4.82
CA GLY B 14 2.58 13.24 -4.99
C GLY B 14 3.45 13.34 -6.22
N ILE B 15 4.30 12.34 -6.42
CA ILE B 15 5.27 12.44 -7.48
C ILE B 15 4.63 12.17 -8.80
N GLN B 16 3.69 11.26 -8.86
CA GLN B 16 3.07 11.01 -10.15
C GLN B 16 2.17 12.16 -10.57
N VAL B 17 1.44 12.76 -9.65
CA VAL B 17 0.64 13.92 -10.00
C VAL B 17 1.53 15.05 -10.41
N GLY B 18 2.64 15.21 -9.73
CA GLY B 18 3.58 16.22 -10.13
C GLY B 18 4.12 15.99 -11.52
N ALA B 19 4.49 14.76 -11.83
CA ALA B 19 5.06 14.51 -13.12
C ALA B 19 4.10 14.94 -14.19
N MET B 20 2.84 14.63 -14.02
CA MET B 20 1.87 15.12 -14.98
C MET B 20 1.76 16.64 -14.98
N TYR B 21 1.81 17.27 -13.81
CA TYR B 21 1.72 18.71 -13.78
C TYR B 21 2.82 19.29 -14.60
N TRP B 22 4.00 18.73 -14.49
CA TRP B 22 5.12 19.35 -15.12
C TRP B 22 5.07 19.11 -16.60
N LYS B 23 4.57 17.98 -17.05
CA LYS B 23 4.40 17.90 -18.47
C LYS B 23 3.46 18.98 -18.96
N GLN B 24 2.35 19.19 -18.26
CA GLN B 24 1.37 20.15 -18.78
C GLN B 24 1.86 21.58 -18.68
N ILE B 25 2.52 21.94 -17.61
CA ILE B 25 3.00 23.29 -17.51
C ILE B 25 3.98 23.54 -18.60
N CYS B 26 4.75 22.52 -18.98
CA CYS B 26 5.71 22.73 -20.04
C CYS B 26 4.98 23.09 -21.31
N ALA B 27 3.92 22.38 -21.58
CA ALA B 27 3.21 22.66 -22.80
C ALA B 27 2.70 24.08 -22.79
N GLU B 28 2.20 24.55 -21.66
CA GLU B 28 1.62 25.89 -21.63
C GLU B 28 2.65 26.93 -21.95
N HIS B 29 3.87 26.72 -21.57
CA HIS B 29 4.85 27.71 -21.91
C HIS B 29 5.50 27.46 -23.24
N ASN B 30 5.09 26.44 -23.95
CA ASN B 30 5.77 26.08 -25.20
C ASN B 30 7.24 25.73 -24.95
N LEU B 31 7.51 25.04 -23.84
CA LEU B 31 8.82 24.52 -23.51
C LEU B 31 8.79 23.02 -23.69
N ASP B 32 9.82 22.45 -24.30
CA ASP B 32 9.74 21.03 -24.68
C ASP B 32 9.92 20.11 -23.47
N HIS B 33 9.34 18.91 -23.55
CA HIS B 33 9.24 18.07 -22.36
C HIS B 33 10.59 17.57 -21.95
N ASN B 34 11.38 17.13 -22.89
CA ASN B 34 12.64 16.48 -22.56
C ASN B 34 13.79 17.43 -22.78
N GLY B 35 14.63 17.56 -21.78
CA GLY B 35 15.69 18.50 -21.85
C GLY B 35 15.20 19.88 -21.58
N ALA B 36 13.92 20.02 -21.36
CA ALA B 36 13.29 21.32 -21.17
C ALA B 36 13.78 22.38 -22.17
N PRO B 37 13.70 22.10 -23.47
CA PRO B 37 14.08 23.10 -24.47
C PRO B 37 12.94 24.07 -24.70
N ILE B 38 13.25 25.14 -25.42
CA ILE B 38 12.29 26.16 -25.75
C ILE B 38 11.97 26.08 -27.22
N GLY B 39 10.72 25.88 -27.56
CA GLY B 39 10.42 25.81 -28.98
C GLY B 39 10.48 27.15 -29.71
N GLY B 40 11.62 27.85 -29.62
CA GLY B 40 11.76 29.18 -30.16
C GLY B 40 11.05 30.29 -29.39
N ASP B 41 9.70 30.25 -29.39
CA ASP B 41 8.81 31.27 -28.85
C ASP B 41 8.23 30.81 -27.51
N ILE B 42 8.68 31.41 -26.42
CA ILE B 42 8.29 30.98 -25.07
C ILE B 42 7.08 31.78 -24.63
N LYS B 43 6.06 31.12 -24.09
CA LYS B 43 4.84 31.83 -23.75
C LYS B 43 4.66 31.96 -22.25
N GLY B 44 3.94 32.98 -21.84
CA GLY B 44 3.70 33.21 -20.44
C GLY B 44 4.96 33.72 -19.76
N ASP B 45 5.06 33.45 -18.47
CA ASP B 45 6.20 33.85 -17.68
C ASP B 45 6.75 32.60 -17.02
N PRO B 46 7.70 31.95 -17.65
CA PRO B 46 8.28 30.73 -17.14
C PRO B 46 9.02 30.93 -15.88
N ASP B 47 9.32 32.14 -15.50
CA ASP B 47 10.07 32.25 -14.27
C ASP B 47 9.28 31.84 -13.05
N CYS B 48 7.96 31.78 -13.12
CA CYS B 48 7.27 31.43 -11.89
C CYS B 48 7.66 30.04 -11.43
N PHE B 49 7.85 29.15 -12.35
CA PHE B 49 8.14 27.82 -11.92
C PHE B 49 9.47 27.24 -12.36
N PHE B 50 10.21 27.88 -13.23
CA PHE B 50 11.44 27.31 -13.72
C PHE B 50 12.63 28.22 -13.49
N MET B 51 13.81 27.63 -13.35
CA MET B 51 15.04 28.39 -13.23
C MET B 51 15.69 28.42 -14.59
N LYS B 52 16.34 29.51 -14.90
CA LYS B 52 16.86 29.70 -16.23
C LYS B 52 18.34 29.44 -16.23
N ALA B 53 18.75 28.36 -16.87
CA ALA B 53 20.16 28.04 -17.00
C ALA B 53 20.80 28.91 -18.07
N SER B 54 22.10 29.05 -17.97
CA SER B 54 22.83 29.84 -18.96
C SER B 54 22.86 29.19 -20.32
N GLY B 55 22.56 27.91 -20.38
CA GLY B 55 22.51 27.21 -21.63
C GLY B 55 21.15 27.26 -22.23
N GLY B 56 20.25 28.01 -21.61
CA GLY B 56 18.89 28.11 -22.06
C GLY B 56 17.97 27.07 -21.49
N LYS B 57 18.51 26.10 -20.78
CA LYS B 57 17.65 25.07 -20.26
C LYS B 57 16.82 25.64 -19.16
N TYR B 58 15.55 25.37 -19.15
CA TYR B 58 14.77 25.76 -18.01
C TYR B 58 14.63 24.55 -17.09
N VAL B 59 14.93 24.72 -15.82
CA VAL B 59 14.98 23.60 -14.89
C VAL B 59 13.85 23.77 -13.89
N PRO B 60 12.89 22.88 -13.85
CA PRO B 60 11.77 23.04 -12.97
C PRO B 60 12.21 23.07 -11.53
N ARG B 61 11.67 24.00 -10.75
CA ARG B 61 12.10 24.08 -9.38
C ARG B 61 11.29 23.11 -8.59
N ALA B 62 11.74 21.89 -8.55
CA ALA B 62 10.94 20.91 -7.88
C ALA B 62 11.79 19.83 -7.28
N LEU B 63 11.35 19.31 -6.17
CA LEU B 63 12.02 18.23 -5.48
C LEU B 63 11.08 17.04 -5.52
N LEU B 64 11.51 15.93 -6.02
CA LEU B 64 10.73 14.73 -5.88
C LEU B 64 11.25 13.94 -4.67
N ILE B 65 10.40 13.72 -3.66
CA ILE B 65 10.83 13.08 -2.43
C ILE B 65 10.03 11.82 -2.15
N ASP B 66 10.71 10.74 -1.78
CA ASP B 66 10.01 9.53 -1.37
C ASP B 66 10.88 8.66 -0.51
N LEU B 67 10.25 7.85 0.32
CA LEU B 67 11.01 6.93 1.12
C LEU B 67 11.35 5.70 0.31
N GLU B 68 10.50 5.35 -0.63
CA GLU B 68 10.69 4.17 -1.45
C GLU B 68 11.43 4.54 -2.72
N PRO B 69 12.54 4.01 -2.96
CA PRO B 69 13.35 4.42 -4.10
C PRO B 69 12.87 3.75 -5.36
N LYS B 70 11.62 3.97 -5.70
CA LYS B 70 11.16 3.56 -7.02
C LYS B 70 10.53 4.70 -7.80
N VAL B 71 9.55 5.40 -7.22
CA VAL B 71 8.88 6.41 -8.00
C VAL B 71 9.83 7.52 -8.32
N VAL B 72 10.69 7.88 -7.41
CA VAL B 72 11.64 8.91 -7.71
C VAL B 72 12.50 8.48 -8.85
N ARG B 73 12.91 7.24 -8.85
CA ARG B 73 13.81 6.81 -9.90
C ARG B 73 13.13 6.78 -11.23
N GLN B 74 11.91 6.26 -11.31
CA GLN B 74 11.35 6.15 -12.63
C GLN B 74 10.94 7.49 -13.20
N VAL B 75 10.51 8.45 -12.39
CA VAL B 75 10.17 9.70 -13.03
C VAL B 75 11.43 10.44 -13.43
N GLY B 76 12.42 10.50 -12.56
CA GLY B 76 13.59 11.30 -12.87
C GLY B 76 14.46 10.72 -13.94
N ASN B 77 14.43 9.41 -14.12
CA ASN B 77 15.23 8.79 -15.17
C ASN B 77 14.44 8.20 -16.35
N GLU B 78 13.11 8.01 -16.29
CA GLU B 78 12.43 7.42 -17.44
C GLU B 78 11.22 8.20 -17.95
N GLN B 79 10.35 8.72 -17.10
CA GLN B 79 9.13 9.35 -17.62
C GLN B 79 9.40 10.75 -18.13
N LEU B 80 10.18 11.52 -17.43
CA LEU B 80 10.61 12.83 -17.86
C LEU B 80 12.12 12.86 -17.71
N PRO B 81 12.81 12.04 -18.47
CA PRO B 81 14.24 11.88 -18.28
C PRO B 81 14.97 13.19 -18.39
N SER B 82 15.81 13.46 -17.46
CA SER B 82 16.71 14.60 -17.48
C SER B 82 16.01 15.92 -17.39
N PHE B 83 14.71 15.91 -17.16
CA PHE B 83 13.97 17.14 -17.00
C PHE B 83 14.24 17.78 -15.66
N PHE B 84 14.17 17.01 -14.59
CA PHE B 84 14.27 17.50 -13.23
C PHE B 84 15.72 17.58 -12.86
N ASP B 85 16.05 18.50 -12.02
CA ASP B 85 17.42 18.61 -11.60
C ASP B 85 17.79 17.35 -10.84
N PRO B 86 18.83 16.64 -11.26
CA PRO B 86 19.17 15.35 -10.62
C PRO B 86 19.59 15.43 -9.18
N LYS B 87 19.94 16.58 -8.65
CA LYS B 87 20.23 16.65 -7.23
C LYS B 87 19.01 16.93 -6.40
N ASN B 88 17.89 17.19 -7.02
CA ASN B 88 16.67 17.41 -6.30
C ASN B 88 15.78 16.20 -6.30
N LEU B 89 16.31 15.10 -6.71
CA LEU B 89 15.64 13.84 -6.55
C LEU B 89 16.17 13.22 -5.28
N ILE B 90 15.31 13.02 -4.30
CA ILE B 90 15.75 12.57 -3.00
C ILE B 90 14.98 11.33 -2.60
N HIS B 91 15.68 10.30 -2.15
CA HIS B 91 14.95 9.15 -1.69
C HIS B 91 15.65 8.38 -0.61
N GLY B 92 14.86 7.68 0.19
CA GLY B 92 15.34 6.80 1.23
C GLY B 92 15.62 5.42 0.69
N LEU B 93 15.75 4.45 1.58
CA LEU B 93 16.12 3.12 1.14
C LEU B 93 15.06 2.12 1.41
N TYR B 94 14.20 2.35 2.37
CA TYR B 94 13.11 1.47 2.68
C TYR B 94 11.88 2.30 2.62
N GLY B 95 10.81 1.76 2.14
CA GLY B 95 9.59 2.52 2.14
C GLY B 95 8.99 2.42 3.49
N GLY B 96 8.01 3.27 3.75
CA GLY B 96 7.14 3.07 4.86
C GLY B 96 6.14 2.06 4.42
N ALA B 97 5.21 1.77 5.28
CA ALA B 97 4.23 0.83 4.91
C ALA B 97 2.91 1.31 5.40
N ASN B 98 2.33 2.22 4.71
CA ASN B 98 1.11 2.76 5.17
C ASN B 98 1.19 3.18 6.62
N SER B 99 2.30 3.78 7.05
CA SER B 99 2.42 4.17 8.45
C SER B 99 2.94 5.56 8.66
N PHE B 100 2.06 6.44 9.07
CA PHE B 100 2.44 7.80 9.31
C PHE B 100 3.63 7.81 10.19
N ALA B 101 3.67 6.87 11.11
CA ALA B 101 4.67 6.99 12.14
C ALA B 101 6.04 6.85 11.56
N LYS B 102 6.19 6.03 10.54
CA LYS B 102 7.53 5.90 10.03
C LYS B 102 7.93 7.16 9.32
N GLY B 103 7.09 7.65 8.46
CA GLY B 103 7.46 8.82 7.70
C GLY B 103 7.71 10.03 8.56
N TYR B 104 7.03 10.14 9.67
CA TYR B 104 7.18 11.32 10.51
C TYR B 104 8.19 11.19 11.61
N LEU B 105 8.29 10.05 12.26
CA LEU B 105 9.16 9.86 13.40
C LEU B 105 10.25 8.82 13.21
N GLY B 106 10.04 7.84 12.33
CA GLY B 106 10.98 6.75 12.00
C GLY B 106 11.88 7.13 10.83
N GLU B 107 12.12 6.18 9.92
CA GLU B 107 12.94 6.58 8.78
C GLU B 107 12.24 7.70 8.09
N GLY B 108 12.96 8.78 7.88
CA GLY B 108 12.38 10.03 7.49
C GLY B 108 12.78 11.11 8.44
N ARG B 109 12.94 10.78 9.69
CA ARG B 109 13.42 11.80 10.57
C ARG B 109 14.90 12.01 10.40
N ASP B 110 15.59 11.04 9.83
CA ASP B 110 17.01 11.21 9.52
C ASP B 110 17.14 11.87 8.17
N MET B 111 16.40 11.36 7.22
CA MET B 111 16.40 11.87 5.87
C MET B 111 16.09 13.36 5.82
N ILE B 112 15.32 13.89 6.78
CA ILE B 112 14.87 15.27 6.74
C ILE B 112 16.02 16.23 6.74
N ASP B 113 17.19 15.82 7.19
CA ASP B 113 18.26 16.79 7.12
C ASP B 113 18.74 17.00 5.71
N ASN B 114 18.74 15.97 4.89
CA ASN B 114 19.06 16.18 3.48
C ASN B 114 17.96 16.87 2.74
N ILE B 115 16.71 16.62 3.11
CA ILE B 115 15.64 17.30 2.44
C ILE B 115 15.74 18.78 2.70
N MET B 116 15.97 19.16 3.92
CA MET B 116 15.97 20.57 4.17
C MET B 116 17.25 21.21 3.66
N GLU B 117 18.36 20.51 3.64
CA GLU B 117 19.54 21.17 3.14
C GLU B 117 19.43 21.38 1.66
N GLN B 118 18.89 20.41 0.95
CA GLN B 118 18.75 20.60 -0.47
C GLN B 118 17.71 21.65 -0.77
N LEU B 119 16.66 21.77 0.04
CA LEU B 119 15.72 22.86 -0.19
C LEU B 119 16.40 24.17 0.01
N LYS B 120 17.22 24.28 1.04
CA LYS B 120 17.94 25.52 1.26
C LYS B 120 18.74 25.87 0.05
N LYS B 121 19.34 24.89 -0.59
CA LYS B 121 20.09 25.20 -1.79
C LYS B 121 19.15 25.67 -2.89
N GLU B 122 17.95 25.16 -2.92
CA GLU B 122 17.04 25.55 -3.97
C GLU B 122 16.44 26.93 -3.74
N VAL B 123 16.08 27.27 -2.50
CA VAL B 123 15.50 28.58 -2.28
C VAL B 123 16.54 29.62 -2.50
N ALA B 124 17.78 29.27 -2.29
CA ALA B 124 18.87 30.22 -2.42
C ALA B 124 19.08 30.63 -3.84
N LYS B 125 18.55 29.91 -4.79
CA LYS B 125 18.69 30.27 -6.17
C LYS B 125 17.64 31.25 -6.64
N CYS B 126 16.61 31.49 -5.84
CA CYS B 126 15.53 32.38 -6.23
C CYS B 126 15.91 33.82 -6.01
N GLU B 127 15.57 34.68 -6.93
CA GLU B 127 15.80 36.09 -6.67
C GLU B 127 14.99 36.52 -5.46
N SER B 128 13.78 36.02 -5.37
CA SER B 128 12.86 36.31 -4.27
C SER B 128 11.77 35.27 -4.26
N LEU B 129 11.72 34.46 -3.22
CA LEU B 129 10.78 33.35 -3.14
C LEU B 129 9.47 33.80 -2.56
N GLN B 130 8.40 33.39 -3.19
CA GLN B 130 7.08 33.73 -2.73
C GLN B 130 6.52 32.67 -1.83
N GLY B 131 6.73 31.41 -2.16
CA GLY B 131 6.16 30.39 -1.33
C GLY B 131 6.47 29.00 -1.83
N PHE B 132 5.96 28.02 -1.09
CA PHE B 132 6.10 26.62 -1.42
C PHE B 132 4.74 25.98 -1.62
N ILE B 133 4.65 25.05 -2.54
CA ILE B 133 3.43 24.31 -2.78
C ILE B 133 3.77 22.83 -2.75
N MET B 134 3.16 22.07 -1.86
CA MET B 134 3.48 20.65 -1.73
C MET B 134 2.34 19.80 -2.23
N THR B 135 2.63 18.74 -2.95
CA THR B 135 1.60 17.85 -3.48
C THR B 135 1.81 16.48 -2.89
N HIS B 136 0.80 15.89 -2.24
CA HIS B 136 1.05 14.65 -1.54
C HIS B 136 -0.22 13.91 -1.20
N ALA B 137 -0.10 12.60 -1.08
CA ALA B 137 -1.17 11.81 -0.49
C ALA B 137 -1.21 12.06 1.01
N VAL B 138 -2.41 12.04 1.57
CA VAL B 138 -2.56 12.37 2.99
C VAL B 138 -2.40 11.16 3.82
N GLY B 139 -2.96 10.04 3.37
CA GLY B 139 -3.13 8.81 4.13
C GLY B 139 -2.11 7.75 3.83
N GLY B 140 -1.06 8.11 3.18
CA GLY B 140 0.01 7.19 2.92
C GLY B 140 1.08 7.29 3.97
N GLY B 141 2.18 6.63 3.67
CA GLY B 141 3.27 6.58 4.57
C GLY B 141 4.14 7.76 4.42
N SER B 142 4.87 7.82 3.33
CA SER B 142 5.77 8.93 3.13
C SER B 142 5.01 10.19 2.84
N GLY B 143 3.94 10.06 2.09
CA GLY B 143 3.13 11.20 1.80
C GLY B 143 2.71 11.86 3.09
N GLY B 144 1.89 11.17 3.86
CA GLY B 144 1.49 11.74 5.12
C GLY B 144 2.67 12.11 5.98
N GLY B 145 3.54 11.16 6.22
CA GLY B 145 4.56 11.31 7.21
C GLY B 145 5.64 12.29 6.87
N LEU B 146 6.33 12.08 5.76
CA LEU B 146 7.31 13.07 5.39
C LEU B 146 6.63 14.35 5.05
N GLY B 147 5.50 14.30 4.37
CA GLY B 147 4.85 15.54 4.03
C GLY B 147 4.67 16.41 5.26
N CYS B 148 4.19 15.81 6.34
CA CYS B 148 3.97 16.60 7.51
C CYS B 148 5.28 16.99 8.17
N LEU B 149 6.27 16.13 8.16
CA LEU B 149 7.55 16.50 8.75
C LEU B 149 8.18 17.64 8.00
N ILE B 150 8.13 17.59 6.67
CA ILE B 150 8.68 18.62 5.82
C ILE B 150 7.95 19.92 6.06
N MET B 151 6.62 19.86 6.18
CA MET B 151 5.85 21.07 6.41
C MET B 151 6.21 21.71 7.71
N GLU B 152 6.41 20.92 8.74
CA GLU B 152 6.79 21.52 9.99
C GLU B 152 8.12 22.20 9.83
N LYS B 153 9.05 21.54 9.20
CA LYS B 153 10.35 22.18 9.13
C LYS B 153 10.31 23.43 8.25
N ILE B 154 9.51 23.43 7.19
CA ILE B 154 9.46 24.61 6.36
C ILE B 154 8.97 25.76 7.18
N LYS B 155 7.92 25.58 7.96
CA LYS B 155 7.45 26.76 8.66
C LYS B 155 8.47 27.23 9.65
N GLU B 156 9.24 26.32 10.23
CA GLU B 156 10.19 26.82 11.20
C GLU B 156 11.32 27.55 10.51
N GLU B 157 11.77 27.05 9.37
CA GLU B 157 12.90 27.60 8.63
C GLU B 157 12.53 28.82 7.81
N TYR B 158 11.32 28.86 7.29
CA TYR B 158 10.87 29.92 6.39
C TYR B 158 9.55 30.49 6.88
N PRO B 159 9.57 31.17 8.02
CA PRO B 159 8.34 31.63 8.64
C PRO B 159 7.57 32.63 7.85
N LYS B 160 8.19 33.37 6.98
CA LYS B 160 7.51 34.42 6.28
C LYS B 160 7.12 34.04 4.86
N LYS B 161 7.35 32.82 4.44
CA LYS B 161 6.95 32.43 3.11
C LYS B 161 5.65 31.68 3.25
N ILE B 162 4.91 31.61 2.20
CA ILE B 162 3.59 31.04 2.30
C ILE B 162 3.64 29.57 1.96
N LEU B 163 3.01 28.75 2.77
CA LEU B 163 3.03 27.32 2.54
C LEU B 163 1.67 26.80 2.19
N TRP B 164 1.52 26.32 0.98
CA TRP B 164 0.29 25.71 0.55
C TRP B 164 0.47 24.23 0.41
N SER B 165 -0.61 23.51 0.51
CA SER B 165 -0.52 22.11 0.27
C SER B 165 -1.71 21.70 -0.53
N TYR B 166 -1.51 20.77 -1.41
CA TYR B 166 -2.53 20.23 -2.26
C TYR B 166 -2.52 18.77 -1.97
N SER B 167 -3.62 18.19 -1.52
CA SER B 167 -3.46 16.86 -1.01
C SER B 167 -4.65 15.98 -1.27
N ILE B 168 -4.41 14.67 -1.27
CA ILE B 168 -5.36 13.67 -1.69
C ILE B 168 -5.85 12.86 -0.50
N LEU B 169 -7.19 12.86 -0.27
CA LEU B 169 -7.81 12.21 0.86
C LEU B 169 -8.20 10.77 0.58
N PRO B 170 -8.16 10.01 1.60
CA PRO B 170 -8.43 8.60 1.58
C PRO B 170 -9.84 8.09 1.37
N SER B 171 -10.34 8.14 0.20
CA SER B 171 -11.62 7.50 -0.06
C SER B 171 -11.55 6.00 0.11
N PRO B 172 -12.50 5.39 0.79
CA PRO B 172 -12.50 3.94 1.04
C PRO B 172 -12.67 3.13 -0.20
N LEU B 173 -13.03 3.75 -1.30
CA LEU B 173 -13.32 3.06 -2.52
C LEU B 173 -12.07 2.58 -3.25
N LEU B 174 -10.97 3.34 -3.19
CA LEU B 174 -9.72 2.92 -3.86
C LEU B 174 -8.62 3.05 -2.85
N SER B 175 -8.46 2.08 -2.00
CA SER B 175 -7.49 2.23 -0.95
C SER B 175 -6.46 1.13 -0.94
N ASP B 176 -5.20 1.50 -0.75
CA ASP B 176 -4.13 0.55 -0.53
C ASP B 176 -3.86 0.30 0.93
N ALA B 177 -4.62 0.90 1.85
CA ALA B 177 -4.28 0.76 3.25
C ALA B 177 -5.48 0.72 4.14
N VAL B 178 -5.54 -0.30 4.99
CA VAL B 178 -6.62 -0.42 5.93
C VAL B 178 -6.50 0.63 6.98
N VAL B 179 -5.31 1.14 7.21
CA VAL B 179 -5.10 2.10 8.23
C VAL B 179 -5.15 3.47 7.69
N GLU B 180 -5.57 3.62 6.46
CA GLU B 180 -5.52 4.93 5.85
C GLU B 180 -6.19 6.00 6.69
N PRO B 181 -7.32 5.78 7.30
CA PRO B 181 -7.91 6.79 8.14
C PRO B 181 -7.08 7.19 9.30
N TYR B 182 -6.23 6.33 9.81
CA TYR B 182 -5.43 6.78 10.92
C TYR B 182 -4.45 7.77 10.42
N ASN B 183 -3.87 7.44 9.28
CA ASN B 183 -2.88 8.34 8.76
C ASN B 183 -3.53 9.64 8.39
N ALA B 184 -4.76 9.60 7.92
CA ALA B 184 -5.43 10.83 7.53
C ALA B 184 -5.67 11.74 8.71
N ILE B 185 -6.18 11.25 9.81
CA ILE B 185 -6.42 12.19 10.88
C ILE B 185 -5.12 12.70 11.45
N LEU B 186 -4.08 11.88 11.52
CA LEU B 186 -2.81 12.42 11.98
C LEU B 186 -2.29 13.50 11.04
N SER B 187 -2.37 13.27 9.74
CA SER B 187 -1.89 14.25 8.76
C SER B 187 -2.71 15.52 8.77
N LEU B 188 -4.04 15.41 8.84
CA LEU B 188 -4.88 16.58 8.87
C LEU B 188 -4.59 17.40 10.11
N ASP B 189 -4.33 16.75 11.23
CA ASP B 189 -3.95 17.50 12.39
C ASP B 189 -2.72 18.30 12.13
N LYS B 190 -1.72 17.67 11.55
CA LYS B 190 -0.50 18.43 11.33
C LYS B 190 -0.75 19.59 10.39
N MET B 191 -1.57 19.39 9.38
CA MET B 191 -1.78 20.50 8.46
C MET B 191 -2.50 21.65 9.14
N ILE B 192 -3.49 21.38 10.00
CA ILE B 192 -4.21 22.47 10.64
C ILE B 192 -3.24 23.35 11.38
N GLN B 193 -2.22 22.77 11.96
CA GLN B 193 -1.28 23.54 12.73
C GLN B 193 -0.19 24.17 11.89
N TYR B 194 -0.04 23.84 10.61
CA TYR B 194 1.13 24.36 9.89
C TYR B 194 0.91 24.97 8.51
N THR B 195 -0.10 24.61 7.76
CA THR B 195 -0.19 25.25 6.47
C THR B 195 -0.95 26.57 6.53
N ASP B 196 -0.75 27.40 5.51
CA ASP B 196 -1.47 28.66 5.44
C ASP B 196 -2.69 28.52 4.60
N GLU B 197 -2.69 27.62 3.65
CA GLU B 197 -3.87 27.32 2.85
C GLU B 197 -3.73 25.91 2.34
N THR B 198 -4.82 25.22 2.16
CA THR B 198 -4.67 23.90 1.64
C THR B 198 -5.87 23.55 0.77
N VAL B 199 -5.65 22.76 -0.26
CA VAL B 199 -6.73 22.33 -1.13
C VAL B 199 -6.94 20.85 -0.98
N VAL B 200 -8.17 20.47 -0.81
CA VAL B 200 -8.53 19.12 -0.45
C VAL B 200 -9.15 18.49 -1.66
N ILE B 201 -8.60 17.41 -2.14
CA ILE B 201 -9.20 16.62 -3.20
C ILE B 201 -9.56 15.25 -2.66
N ASP B 202 -10.76 14.79 -2.91
CA ASP B 202 -11.20 13.51 -2.39
C ASP B 202 -11.25 12.51 -3.51
N ASN B 203 -10.55 11.40 -3.37
CA ASN B 203 -10.59 10.42 -4.46
C ASN B 203 -11.96 9.85 -4.69
N HIS B 204 -12.83 9.91 -3.72
CA HIS B 204 -14.17 9.43 -3.93
C HIS B 204 -14.84 10.24 -5.01
N ALA B 205 -14.77 11.54 -4.87
CA ALA B 205 -15.39 12.44 -5.83
C ALA B 205 -14.77 12.27 -7.17
N LEU B 206 -13.47 12.17 -7.17
CA LEU B 206 -12.72 12.12 -8.36
C LEU B 206 -13.12 10.91 -9.14
N PHE B 207 -13.34 9.83 -8.42
CA PHE B 207 -13.83 8.62 -9.03
C PHE B 207 -15.17 8.85 -9.66
N GLN B 208 -16.07 9.49 -8.95
CA GLN B 208 -17.38 9.78 -9.53
C GLN B 208 -17.27 10.56 -10.82
N ILE B 209 -16.42 11.57 -10.85
CA ILE B 209 -16.23 12.38 -12.04
C ILE B 209 -15.74 11.51 -13.18
N VAL B 210 -14.68 10.73 -12.96
CA VAL B 210 -14.14 9.95 -14.06
C VAL B 210 -15.18 8.99 -14.56
N THR B 211 -15.90 8.40 -13.64
CA THR B 211 -16.86 7.37 -13.99
C THR B 211 -17.97 7.93 -14.83
N LYS B 212 -18.52 9.07 -14.45
CA LYS B 212 -19.73 9.52 -15.11
C LYS B 212 -19.55 10.70 -16.03
N ASN B 213 -18.61 11.58 -15.79
CA ASN B 213 -18.50 12.68 -16.72
C ASN B 213 -17.63 12.31 -17.87
N MET B 214 -16.55 11.60 -17.59
CA MET B 214 -15.62 11.31 -18.64
C MET B 214 -16.00 10.06 -19.37
N GLY B 215 -16.89 9.27 -18.80
CA GLY B 215 -17.33 8.05 -19.44
C GLY B 215 -16.30 6.96 -19.46
N ILE B 216 -15.40 6.97 -18.51
CA ILE B 216 -14.33 5.99 -18.48
C ILE B 216 -14.71 4.92 -17.48
N ASP B 217 -14.97 3.73 -17.98
CA ASP B 217 -15.23 2.60 -17.12
C ASP B 217 -14.00 2.26 -16.30
N ASP B 218 -14.24 1.76 -15.10
CA ASP B 218 -13.19 1.20 -14.28
C ASP B 218 -12.01 2.15 -14.09
N PRO B 219 -12.22 3.28 -13.48
CA PRO B 219 -11.13 4.21 -13.26
C PRO B 219 -10.01 3.58 -12.50
N ILE B 220 -8.79 3.87 -12.91
CA ILE B 220 -7.57 3.49 -12.23
C ILE B 220 -6.85 4.77 -11.84
N TYR B 221 -5.86 4.66 -10.95
CA TYR B 221 -5.24 5.88 -10.46
C TYR B 221 -4.76 6.76 -11.60
N ASP B 222 -4.35 6.16 -12.70
CA ASP B 222 -3.84 6.96 -13.80
C ASP B 222 -4.89 7.88 -14.39
N ASP B 223 -6.16 7.48 -14.39
CA ASP B 223 -7.21 8.38 -14.87
C ASP B 223 -7.53 9.46 -13.87
N LEU B 224 -7.58 9.12 -12.61
CA LEU B 224 -7.88 10.08 -11.60
C LEU B 224 -6.86 11.18 -11.64
N ASN B 225 -5.63 10.83 -11.96
CA ASN B 225 -4.61 11.85 -12.01
C ASN B 225 -4.71 12.78 -13.23
N HIS B 226 -5.46 12.43 -14.28
CA HIS B 226 -5.65 13.40 -15.36
C HIS B 226 -6.54 14.52 -14.89
N VAL B 227 -7.54 14.17 -14.13
CA VAL B 227 -8.41 15.18 -13.59
C VAL B 227 -7.64 16.02 -12.63
N ILE B 228 -6.85 15.40 -11.79
CA ILE B 228 -6.10 16.19 -10.84
C ILE B 228 -5.17 17.12 -11.55
N SER B 229 -4.43 16.62 -12.50
CA SER B 229 -3.40 17.47 -13.06
C SER B 229 -4.01 18.66 -13.71
N GLN B 230 -5.11 18.48 -14.45
CA GLN B 230 -5.67 19.65 -15.09
C GLN B 230 -6.20 20.65 -14.07
N ALA B 231 -6.83 20.17 -13.00
CA ALA B 231 -7.29 21.10 -11.99
C ALA B 231 -6.12 21.86 -11.39
N LEU B 232 -5.04 21.16 -11.12
CA LEU B 232 -3.94 21.82 -10.45
C LEU B 232 -3.33 22.83 -11.37
N SER B 233 -3.31 22.52 -12.65
CA SER B 233 -2.78 23.46 -13.62
C SER B 233 -3.58 24.75 -13.67
N ASP B 234 -4.91 24.67 -13.61
CA ASP B 234 -5.65 25.94 -13.54
C ASP B 234 -5.43 26.69 -12.24
N ILE B 235 -5.29 26.02 -11.10
CA ILE B 235 -5.16 26.74 -9.84
C ILE B 235 -3.93 27.61 -9.84
N THR B 236 -2.83 27.12 -10.32
CA THR B 236 -1.63 27.91 -10.29
C THR B 236 -1.45 28.74 -11.54
N ALA B 237 -2.42 28.72 -12.44
CA ALA B 237 -2.30 29.43 -13.71
C ALA B 237 -2.15 30.90 -13.51
N SER B 238 -2.83 31.44 -12.55
CA SER B 238 -2.73 32.85 -12.35
C SER B 238 -1.34 33.27 -11.95
N LEU B 239 -0.52 32.36 -11.55
CA LEU B 239 0.82 32.78 -11.19
C LEU B 239 1.76 32.69 -12.38
N ARG B 240 1.26 32.17 -13.50
CA ARG B 240 2.05 31.92 -14.68
C ARG B 240 1.77 32.88 -15.80
N PHE B 241 0.62 33.45 -15.81
CA PHE B 241 0.27 34.38 -16.84
C PHE B 241 -0.19 35.67 -16.18
N LYS B 242 0.08 36.78 -16.83
CA LYS B 242 -0.34 38.06 -16.29
C LYS B 242 -1.86 38.15 -16.28
N GLY B 243 -2.41 38.57 -15.16
CA GLY B 243 -3.85 38.57 -15.03
C GLY B 243 -4.29 39.35 -13.81
N SER B 244 -5.60 39.39 -13.59
CA SER B 244 -6.17 40.05 -12.42
C SER B 244 -6.48 39.05 -11.33
N LEU B 245 -7.34 39.43 -10.40
CA LEU B 245 -7.80 38.53 -9.35
C LEU B 245 -6.59 37.97 -8.66
N ASN B 246 -6.47 36.67 -8.62
CA ASN B 246 -5.31 36.10 -7.99
C ASN B 246 -4.07 36.40 -8.81
N THR B 247 -3.09 37.04 -8.21
CA THR B 247 -1.86 37.33 -8.90
C THR B 247 -0.65 37.07 -8.04
N ASP B 248 -0.82 36.43 -6.90
CA ASP B 248 0.28 36.23 -5.98
C ASP B 248 -0.21 35.33 -4.86
N MET B 249 0.64 34.46 -4.35
CA MET B 249 0.20 33.65 -3.23
C MET B 249 -0.29 34.51 -2.08
N LYS B 250 0.26 35.71 -1.93
CA LYS B 250 -0.15 36.60 -0.84
C LYS B 250 -1.59 37.01 -0.97
N GLU B 251 -2.11 37.16 -2.18
CA GLU B 251 -3.51 37.51 -2.34
C GLU B 251 -4.38 36.32 -2.11
N PHE B 252 -3.89 35.14 -2.41
CA PHE B 252 -4.72 34.00 -2.18
C PHE B 252 -5.06 33.93 -0.71
N LEU B 253 -4.08 34.20 0.15
CA LEU B 253 -4.37 34.06 1.57
C LEU B 253 -5.26 35.14 2.12
N VAL B 254 -5.60 36.16 1.36
CA VAL B 254 -6.48 37.21 1.82
C VAL B 254 -7.88 36.96 1.34
N ASN B 255 -8.01 36.53 0.12
CA ASN B 255 -9.33 36.35 -0.42
C ASN B 255 -9.96 35.03 -0.06
N LEU B 256 -9.21 33.97 0.09
CA LEU B 256 -9.84 32.72 0.30
C LEU B 256 -9.80 32.18 1.72
N VAL B 257 -9.17 32.85 2.67
CA VAL B 257 -9.10 32.31 4.03
C VAL B 257 -9.49 33.35 5.07
N PRO B 258 -10.77 33.48 5.35
CA PRO B 258 -11.24 34.51 6.28
C PRO B 258 -10.82 34.32 7.72
N TYR B 259 -10.43 33.10 8.13
CA TYR B 259 -10.00 32.78 9.51
C TYR B 259 -8.70 32.02 9.45
N PRO B 260 -7.77 32.30 10.34
CA PRO B 260 -6.49 31.61 10.33
C PRO B 260 -6.57 30.11 10.49
N ARG B 261 -7.67 29.58 10.98
CA ARG B 261 -7.78 28.16 11.22
C ARG B 261 -8.84 27.51 10.36
N SER B 262 -9.30 28.15 9.31
CA SER B 262 -10.37 27.57 8.55
C SER B 262 -10.05 27.67 7.08
N HIS B 263 -8.91 27.12 6.73
CA HIS B 263 -8.27 27.38 5.47
C HIS B 263 -8.35 26.22 4.55
N PHE B 264 -9.21 25.28 4.80
CA PHE B 264 -9.33 24.14 3.91
C PHE B 264 -10.27 24.46 2.77
N LEU B 265 -9.80 24.35 1.55
CA LEU B 265 -10.56 24.68 0.37
C LEU B 265 -10.93 23.47 -0.44
N MET B 266 -12.08 23.53 -1.04
CA MET B 266 -12.59 22.58 -2.00
C MET B 266 -12.33 23.18 -3.38
N ALA B 267 -12.22 22.35 -4.41
CA ALA B 267 -11.94 22.92 -5.71
C ALA B 267 -12.72 22.28 -6.81
N SER B 268 -13.07 23.08 -7.79
CA SER B 268 -13.77 22.58 -8.94
C SER B 268 -12.98 22.93 -10.18
N PHE B 269 -13.25 22.20 -11.25
CA PHE B 269 -12.54 22.36 -12.52
C PHE B 269 -13.38 21.96 -13.71
N ALA B 270 -13.39 22.78 -14.74
CA ALA B 270 -14.29 22.47 -15.84
C ALA B 270 -13.82 23.16 -17.07
N PRO B 271 -14.08 22.63 -18.22
CA PRO B 271 -14.71 21.41 -18.57
C PRO B 271 -13.74 20.36 -18.31
N MET B 272 -14.17 19.17 -17.95
CA MET B 272 -13.23 18.13 -17.64
C MET B 272 -12.75 17.54 -18.96
N ALA B 273 -11.89 18.30 -19.61
CA ALA B 273 -11.39 17.95 -20.93
C ALA B 273 -12.61 17.62 -21.77
N THR B 274 -12.65 16.48 -22.45
CA THR B 274 -13.86 16.15 -23.19
C THR B 274 -14.12 14.65 -23.27
N ALA B 275 -15.27 14.34 -23.86
CA ALA B 275 -15.79 13.00 -24.05
C ALA B 275 -15.22 12.37 -25.30
N GLU B 276 -14.38 13.12 -26.00
CA GLU B 276 -13.83 12.74 -27.29
C GLU B 276 -14.89 12.70 -28.36
N ASP B 277 -15.98 13.40 -28.11
CA ASP B 277 -17.04 13.56 -29.06
C ASP B 277 -17.62 14.93 -28.76
N ARG B 278 -18.85 15.17 -29.18
CA ARG B 278 -19.51 16.39 -28.77
C ARG B 278 -18.59 17.54 -29.18
N GLN B 279 -18.22 18.41 -28.26
CA GLN B 279 -17.33 19.53 -28.49
C GLN B 279 -16.24 19.50 -27.43
N TYR B 280 -15.15 20.22 -27.70
CA TYR B 280 -14.06 20.27 -26.74
C TYR B 280 -14.49 20.96 -25.47
N ALA B 281 -15.44 21.88 -25.56
CA ALA B 281 -15.95 22.60 -24.41
C ALA B 281 -17.34 23.12 -24.71
N LYS B 282 -18.14 23.25 -23.66
CA LYS B 282 -19.38 23.97 -23.82
C LYS B 282 -18.99 25.41 -23.84
N LEU B 283 -19.35 26.09 -24.87
CA LEU B 283 -18.80 27.42 -25.03
C LEU B 283 -19.66 28.49 -24.39
N THR B 284 -20.89 28.17 -24.05
CA THR B 284 -21.69 29.22 -23.49
C THR B 284 -21.03 29.65 -22.19
N THR B 285 -20.75 30.95 -22.06
CA THR B 285 -20.08 31.42 -20.85
C THR B 285 -20.85 30.99 -19.66
N SER B 286 -22.16 31.04 -19.76
CA SER B 286 -22.96 30.70 -18.62
C SER B 286 -22.91 29.23 -18.31
N ASN B 287 -22.66 28.38 -19.28
CA ASN B 287 -22.54 27.00 -18.89
C ASN B 287 -21.25 26.77 -18.17
N LEU B 288 -20.17 27.43 -18.58
CA LEU B 288 -18.94 27.26 -17.83
C LEU B 288 -19.06 27.86 -16.44
N ALA B 289 -19.64 29.04 -16.33
CA ALA B 289 -19.78 29.65 -15.03
C ALA B 289 -20.64 28.80 -14.14
N ASN B 290 -21.69 28.21 -14.70
CA ASN B 290 -22.51 27.41 -13.83
C ASN B 290 -21.78 26.18 -13.42
N ALA B 291 -21.02 25.63 -14.33
CA ALA B 291 -20.42 24.35 -14.06
C ALA B 291 -19.56 24.43 -12.83
N LEU B 292 -18.90 25.55 -12.63
CA LEU B 292 -17.96 25.58 -11.53
C LEU B 292 -18.62 25.45 -10.15
N PHE B 293 -19.94 25.63 -10.06
CA PHE B 293 -20.68 25.48 -8.81
C PHE B 293 -21.60 24.28 -8.81
N GLU B 294 -21.49 23.37 -9.74
CA GLU B 294 -22.30 22.17 -9.79
C GLU B 294 -21.55 20.98 -9.20
N GLU B 295 -22.29 19.99 -8.77
CA GLU B 295 -21.67 18.87 -8.07
C GLU B 295 -20.84 18.00 -8.96
N ASN B 296 -21.09 17.99 -10.26
CA ASN B 296 -20.32 17.14 -11.14
C ASN B 296 -18.94 17.64 -11.45
N TYR B 297 -18.58 18.82 -11.08
CA TYR B 297 -17.25 19.26 -11.37
C TYR B 297 -16.47 19.51 -10.11
N MET B 298 -17.02 19.15 -8.99
CA MET B 298 -16.42 19.44 -7.71
C MET B 298 -15.71 18.19 -7.22
N MET B 299 -14.45 18.34 -7.02
CA MET B 299 -13.61 17.24 -6.62
C MET B 299 -13.70 16.90 -5.14
N ALA B 300 -14.69 17.41 -4.44
CA ALA B 300 -14.92 17.14 -3.03
C ALA B 300 -16.10 16.21 -2.75
N ALA B 301 -16.96 15.95 -3.73
CA ALA B 301 -18.16 15.13 -3.55
C ALA B 301 -19.14 15.72 -2.54
N VAL B 302 -19.31 17.01 -2.57
CA VAL B 302 -20.21 17.73 -1.68
C VAL B 302 -21.10 18.62 -2.51
N ASP B 303 -22.40 18.57 -2.26
CA ASP B 303 -23.26 19.50 -2.95
C ASP B 303 -23.19 20.84 -2.28
N VAL B 304 -22.57 21.80 -2.95
CA VAL B 304 -22.35 23.09 -2.31
C VAL B 304 -23.64 23.87 -2.20
N THR B 305 -24.68 23.37 -2.81
CA THR B 305 -25.96 24.04 -2.68
C THR B 305 -26.39 24.15 -1.24
N LYS B 306 -26.18 23.13 -0.45
CA LYS B 306 -26.64 23.11 0.93
C LYS B 306 -25.49 23.41 1.88
N GLY B 307 -25.41 24.65 2.34
CA GLY B 307 -24.31 25.06 3.20
C GLY B 307 -24.05 26.54 3.04
N THR B 308 -22.94 27.00 3.57
CA THR B 308 -22.58 28.39 3.49
C THR B 308 -21.24 28.59 2.82
N PHE B 309 -21.15 29.53 1.90
CA PHE B 309 -19.88 29.84 1.27
C PHE B 309 -19.16 30.81 2.15
N LEU B 310 -17.92 30.56 2.42
CA LEU B 310 -17.18 31.54 3.15
C LEU B 310 -16.32 32.38 2.24
N ALA B 311 -15.95 31.84 1.09
CA ALA B 311 -15.15 32.58 0.15
C ALA B 311 -15.27 31.88 -1.17
N CYS B 312 -15.14 32.64 -2.25
CA CYS B 312 -15.18 32.03 -3.56
C CYS B 312 -14.37 32.84 -4.53
N SER B 313 -13.58 32.19 -5.35
CA SER B 313 -12.78 32.87 -6.34
C SER B 313 -12.78 32.07 -7.63
N LEU B 314 -13.32 32.64 -8.68
CA LEU B 314 -13.45 31.95 -9.94
C LEU B 314 -12.42 32.51 -10.90
N LEU B 315 -11.47 31.70 -11.31
CA LEU B 315 -10.51 32.09 -12.33
C LEU B 315 -10.93 31.52 -13.65
N PHE B 316 -11.21 32.39 -14.59
CA PHE B 316 -11.57 31.95 -15.93
C PHE B 316 -10.36 32.10 -16.82
N ARG B 317 -10.28 31.25 -17.84
CA ARG B 317 -9.18 31.31 -18.76
C ARG B 317 -9.73 31.32 -20.18
N GLY B 318 -9.06 32.05 -21.05
CA GLY B 318 -9.39 32.00 -22.46
C GLY B 318 -10.31 33.09 -22.95
N GLU B 319 -11.16 32.71 -23.88
CA GLU B 319 -11.92 33.62 -24.70
C GLU B 319 -13.12 34.24 -23.99
N ASN B 320 -13.35 33.94 -22.73
CA ASN B 320 -14.55 34.44 -22.10
C ASN B 320 -14.55 35.97 -22.00
N THR B 321 -15.67 36.57 -22.36
CA THR B 321 -15.88 38.00 -22.26
C THR B 321 -16.26 38.43 -20.86
N ALA B 322 -15.68 39.53 -20.37
CA ALA B 322 -15.88 39.94 -18.99
C ALA B 322 -17.34 40.21 -18.69
N GLN B 323 -18.04 40.77 -19.63
CA GLN B 323 -19.42 41.13 -19.41
C GLN B 323 -20.33 39.92 -19.41
N ASP B 324 -19.95 38.87 -20.14
CA ASP B 324 -20.81 37.71 -20.11
C ASP B 324 -20.65 36.99 -18.80
N ILE B 325 -19.42 36.92 -18.31
CA ILE B 325 -19.23 36.31 -17.02
C ILE B 325 -20.07 37.05 -16.03
N THR B 326 -19.94 38.36 -16.03
CA THR B 326 -20.66 39.14 -15.08
C THR B 326 -22.14 38.84 -15.15
N ASN B 327 -22.69 38.71 -16.35
CA ASN B 327 -24.11 38.38 -16.42
C ASN B 327 -24.36 36.98 -15.96
N ALA B 328 -23.42 36.09 -16.19
CA ALA B 328 -23.65 34.71 -15.78
C ALA B 328 -23.76 34.62 -14.27
N LEU B 329 -22.99 35.45 -13.55
CA LEU B 329 -22.98 35.38 -12.10
C LEU B 329 -24.31 35.76 -11.49
N LEU B 330 -25.18 36.41 -12.22
CA LEU B 330 -26.47 36.81 -11.66
C LEU B 330 -27.33 35.61 -11.32
N ASP B 331 -27.21 34.52 -12.03
CA ASP B 331 -28.04 33.37 -11.75
C ASP B 331 -27.37 32.42 -10.81
N ILE B 332 -26.21 32.78 -10.31
CA ILE B 332 -25.54 31.98 -9.34
C ILE B 332 -25.71 32.56 -7.93
N LYS B 333 -25.36 33.82 -7.74
CA LYS B 333 -25.63 34.44 -6.47
C LYS B 333 -27.13 34.41 -6.28
N GLY B 334 -27.58 33.90 -5.14
CA GLY B 334 -28.99 33.70 -4.90
C GLY B 334 -29.44 32.27 -5.07
N ARG B 335 -28.72 31.49 -5.84
CA ARG B 335 -28.90 30.07 -5.72
C ARG B 335 -28.14 29.58 -4.53
N ILE B 336 -27.06 30.25 -4.21
CA ILE B 336 -26.22 29.85 -3.10
C ILE B 336 -26.08 30.98 -2.10
N LYS B 337 -25.87 30.59 -0.82
CA LYS B 337 -25.79 31.49 0.35
C LYS B 337 -24.38 31.75 0.79
N PHE B 338 -24.13 32.94 1.24
CA PHE B 338 -22.84 33.33 1.70
C PHE B 338 -22.93 33.80 3.15
N SER B 339 -21.82 33.67 3.89
CA SER B 339 -21.81 33.93 5.33
C SER B 339 -22.10 35.37 5.68
N SER B 340 -22.92 35.54 6.72
CA SER B 340 -23.33 36.85 7.19
C SER B 340 -22.20 37.60 7.83
N PHE B 341 -21.15 36.92 8.17
CA PHE B 341 -20.09 37.58 8.85
C PHE B 341 -18.95 37.92 7.91
N ILE B 342 -19.12 37.66 6.63
CA ILE B 342 -18.05 37.86 5.68
C ILE B 342 -18.64 38.66 4.52
N PRO B 343 -18.37 39.95 4.47
CA PRO B 343 -18.96 40.81 3.43
C PRO B 343 -18.61 40.42 1.99
N THR B 344 -17.56 39.64 1.79
CA THR B 344 -17.06 39.31 0.46
C THR B 344 -18.02 38.41 -0.32
N GLY B 345 -18.31 38.78 -1.56
CA GLY B 345 -19.10 37.99 -2.49
C GLY B 345 -18.23 37.14 -3.39
N ILE B 346 -18.68 36.87 -4.59
CA ILE B 346 -17.89 36.06 -5.48
C ILE B 346 -16.90 36.94 -6.18
N LYS B 347 -15.62 36.62 -6.05
CA LYS B 347 -14.60 37.33 -6.81
C LYS B 347 -14.25 36.54 -8.06
N TYR B 348 -14.09 37.24 -9.19
CA TYR B 348 -13.78 36.54 -10.42
C TYR B 348 -13.06 37.43 -11.35
N GLY B 349 -12.36 36.78 -12.26
CA GLY B 349 -11.58 37.45 -13.27
C GLY B 349 -11.00 36.41 -14.20
N MET B 350 -10.20 36.87 -15.13
CA MET B 350 -9.94 36.07 -16.30
C MET B 350 -8.54 36.32 -16.86
N THR B 351 -7.82 35.25 -17.24
CA THR B 351 -6.51 35.33 -17.87
C THR B 351 -6.62 34.85 -19.31
N GLY B 352 -6.21 35.68 -20.25
CA GLY B 352 -6.44 35.44 -21.68
C GLY B 352 -5.56 34.42 -22.38
N THR B 353 -5.43 33.23 -21.81
CA THR B 353 -4.67 32.12 -22.36
C THR B 353 -5.56 30.93 -22.26
N ALA B 354 -5.12 29.79 -22.75
CA ALA B 354 -6.00 28.65 -22.56
C ALA B 354 -5.22 27.37 -22.48
N PRO B 355 -5.73 26.39 -21.78
CA PRO B 355 -5.11 25.08 -21.81
C PRO B 355 -5.11 24.63 -23.24
N GLU B 356 -4.07 23.90 -23.62
CA GLU B 356 -3.96 23.51 -25.00
C GLU B 356 -5.19 22.71 -25.39
N GLY B 357 -5.87 23.14 -26.44
CA GLY B 357 -7.01 22.41 -26.91
C GLY B 357 -8.37 22.93 -26.50
N LEU B 358 -8.45 23.85 -25.56
CA LEU B 358 -9.76 24.33 -25.13
C LEU B 358 -9.94 25.81 -25.47
N GLU B 359 -11.14 26.17 -25.93
CA GLU B 359 -11.41 27.57 -26.20
C GLU B 359 -11.45 28.37 -24.92
N ARG B 360 -12.05 27.79 -23.89
CA ARG B 360 -12.24 28.45 -22.62
C ARG B 360 -12.39 27.38 -21.57
N SER B 361 -12.04 27.74 -20.36
CA SER B 361 -12.08 26.82 -19.25
C SER B 361 -11.99 27.62 -17.99
N GLY B 362 -12.11 26.94 -16.87
CA GLY B 362 -11.99 27.65 -15.61
C GLY B 362 -12.02 26.74 -14.41
N SER B 363 -11.76 27.33 -13.26
CA SER B 363 -11.69 26.57 -12.05
C SER B 363 -12.12 27.43 -10.91
N ALA B 364 -12.34 26.82 -9.77
CA ALA B 364 -12.77 27.64 -8.66
C ALA B 364 -12.26 27.10 -7.36
N LEU B 365 -11.89 28.01 -6.50
CA LEU B 365 -11.52 27.67 -5.16
C LEU B 365 -12.68 28.08 -4.27
N ILE B 366 -13.21 27.15 -3.53
CA ILE B 366 -14.41 27.34 -2.75
C ILE B 366 -14.10 27.02 -1.31
N ASN B 367 -14.34 27.95 -0.42
CA ASN B 367 -14.17 27.72 1.00
C ASN B 367 -15.59 27.63 1.52
N HIS B 368 -15.99 26.48 1.99
CA HIS B 368 -17.39 26.18 2.16
C HIS B 368 -17.59 25.20 3.29
N THR B 369 -18.74 25.31 3.95
CA THR B 369 -18.92 24.61 5.20
C THR B 369 -19.06 23.13 4.98
N GLY B 370 -19.38 22.74 3.78
CA GLY B 370 -19.55 21.36 3.54
C GLY B 370 -18.29 20.61 3.58
N VAL B 371 -17.16 21.28 3.68
CA VAL B 371 -15.95 20.54 3.77
C VAL B 371 -16.02 19.67 4.97
N ALA B 372 -16.86 20.03 5.92
CA ALA B 372 -16.93 19.31 7.16
C ALA B 372 -17.42 17.92 6.95
N GLU B 373 -18.21 17.69 5.93
CA GLU B 373 -18.69 16.35 5.71
C GLU B 373 -17.56 15.41 5.40
N ILE B 374 -16.55 15.88 4.71
CA ILE B 374 -15.43 15.05 4.40
C ILE B 374 -14.69 14.68 5.66
N PHE B 375 -14.37 15.68 6.46
CA PHE B 375 -13.74 15.40 7.72
C PHE B 375 -14.56 14.45 8.57
N ASN B 376 -15.88 14.59 8.58
CA ASN B 376 -16.72 13.73 9.41
C ASN B 376 -16.73 12.29 8.95
N ARG B 377 -16.68 12.02 7.65
CA ARG B 377 -16.53 10.63 7.22
C ARG B 377 -15.22 10.06 7.69
N ILE B 378 -14.13 10.79 7.50
CA ILE B 378 -12.89 10.23 7.99
C ILE B 378 -12.93 10.02 9.49
N LEU B 379 -13.51 10.95 10.24
CA LEU B 379 -13.48 10.81 11.69
C LEU B 379 -14.32 9.64 12.13
N ALA B 380 -15.41 9.38 11.47
CA ALA B 380 -16.20 8.22 11.87
C ALA B 380 -15.39 6.95 11.73
N GLN B 381 -14.64 6.81 10.64
CA GLN B 381 -13.81 5.63 10.56
C GLN B 381 -12.77 5.62 11.65
N PHE B 382 -12.19 6.76 11.91
CA PHE B 382 -11.14 6.81 12.92
C PHE B 382 -11.68 6.33 14.21
N ASN B 383 -12.87 6.77 14.53
CA ASN B 383 -13.40 6.44 15.83
C ASN B 383 -13.70 4.95 15.96
N LEU B 384 -14.30 4.33 14.95
CA LEU B 384 -14.56 2.89 15.11
C LEU B 384 -13.27 2.12 15.28
N MET B 385 -12.25 2.43 14.52
CA MET B 385 -11.02 1.68 14.65
C MET B 385 -10.24 2.00 15.92
N PHE B 386 -10.11 3.26 16.27
CA PHE B 386 -9.30 3.62 17.43
C PHE B 386 -9.86 3.04 18.68
N ASP B 387 -11.16 3.07 18.81
CA ASP B 387 -11.79 2.61 20.04
C ASP B 387 -11.61 1.13 20.32
N LYS B 388 -11.26 0.31 19.35
CA LYS B 388 -10.97 -1.08 19.63
C LYS B 388 -9.51 -1.36 19.59
N GLY B 389 -8.69 -0.36 19.38
CA GLY B 389 -7.24 -0.53 19.35
C GLY B 389 -6.72 -1.17 18.11
N ALA B 390 -7.48 -1.19 17.04
CA ALA B 390 -7.01 -1.88 15.87
C ALA B 390 -5.81 -1.18 15.31
N PHE B 391 -4.85 -1.93 14.88
CA PHE B 391 -3.68 -1.45 14.21
C PHE B 391 -2.90 -0.44 14.98
N LEU B 392 -3.17 -0.23 16.24
CA LEU B 392 -2.36 0.77 16.89
C LEU B 392 -0.95 0.30 17.10
N ASN B 393 -0.68 -0.99 17.05
CA ASN B 393 0.67 -1.44 17.29
C ASN B 393 1.61 -1.09 16.18
N TRP B 394 1.11 -0.82 15.00
CA TRP B 394 1.97 -0.40 13.92
C TRP B 394 2.44 1.02 14.07
N TYR B 395 1.89 1.76 15.01
CA TYR B 395 2.32 3.11 15.27
C TYR B 395 3.07 3.21 16.58
N GLU B 396 2.63 2.51 17.59
CA GLU B 396 3.30 2.59 18.86
C GLU B 396 4.69 2.04 18.75
N ILE B 397 4.92 1.10 17.84
CA ILE B 397 6.21 0.50 17.73
C ILE B 397 7.28 1.47 17.32
N GLU B 398 6.91 2.58 16.68
CA GLU B 398 7.88 3.62 16.31
C GLU B 398 7.89 4.80 17.24
N GLY B 399 7.09 4.80 18.28
CA GLY B 399 7.05 5.92 19.19
C GLY B 399 5.77 6.78 19.22
N MET B 400 4.71 6.41 18.54
CA MET B 400 3.52 7.24 18.59
C MET B 400 2.45 6.56 19.39
N SER B 401 2.20 7.08 20.57
CA SER B 401 1.29 6.50 21.51
C SER B 401 -0.11 7.00 21.30
N LYS B 402 -1.01 6.45 22.09
CA LYS B 402 -2.41 6.77 22.01
C LYS B 402 -2.67 8.24 22.26
N ASP B 403 -1.80 8.90 23.02
CA ASP B 403 -2.04 10.30 23.33
C ASP B 403 -1.95 11.16 22.10
N ASP B 404 -1.10 10.82 21.18
CA ASP B 404 -1.03 11.64 19.98
C ASP B 404 -2.20 11.37 19.10
N PHE B 405 -2.66 10.15 19.08
CA PHE B 405 -3.83 9.89 18.28
C PHE B 405 -4.99 10.65 18.82
N ALA B 406 -5.12 10.71 20.12
CA ALA B 406 -6.24 11.40 20.71
C ALA B 406 -6.14 12.88 20.46
N GLY B 407 -4.94 13.43 20.56
CA GLY B 407 -4.76 14.83 20.24
C GLY B 407 -5.18 15.16 18.82
N ALA B 408 -4.71 14.37 17.88
CA ALA B 408 -5.07 14.63 16.51
C ALA B 408 -6.56 14.53 16.33
N ARG B 409 -7.19 13.57 16.98
CA ARG B 409 -8.62 13.40 16.77
C ARG B 409 -9.36 14.60 17.24
N ASP B 410 -8.96 15.11 18.39
CA ASP B 410 -9.67 16.23 18.96
C ASP B 410 -9.48 17.48 18.15
N ASN B 411 -8.28 17.72 17.67
CA ASN B 411 -8.12 18.91 16.87
C ASN B 411 -8.88 18.82 15.56
N VAL B 412 -8.97 17.65 14.96
CA VAL B 412 -9.70 17.62 13.71
C VAL B 412 -11.18 17.78 14.00
N GLN B 413 -11.64 17.25 15.12
CA GLN B 413 -13.06 17.42 15.44
C GLN B 413 -13.38 18.86 15.70
N LYS B 414 -12.48 19.58 16.37
CA LYS B 414 -12.75 20.99 16.59
C LYS B 414 -12.81 21.74 15.27
N LEU B 415 -11.94 21.42 14.34
CA LEU B 415 -12.04 22.06 13.06
C LEU B 415 -13.43 21.84 12.48
N SER B 416 -13.93 20.62 12.55
CA SER B 416 -15.21 20.35 11.93
C SER B 416 -16.31 21.11 12.61
N ASP B 417 -16.23 21.22 13.92
CA ASP B 417 -17.23 21.97 14.65
C ASP B 417 -17.19 23.46 14.31
N GLU B 418 -15.99 24.02 14.14
CA GLU B 418 -15.88 25.42 13.75
C GLU B 418 -16.59 25.68 12.44
N TYR B 419 -16.43 24.80 11.47
CA TYR B 419 -17.13 25.04 10.22
C TYR B 419 -18.63 24.89 10.38
N LYS B 420 -19.08 23.97 11.21
CA LYS B 420 -20.50 23.73 11.35
C LYS B 420 -21.22 24.93 11.88
N ARG B 421 -20.57 25.73 12.68
CA ARG B 421 -21.22 26.91 13.21
C ARG B 421 -21.54 27.91 12.13
N ASP B 422 -20.84 27.91 11.04
CA ASP B 422 -21.11 28.89 10.04
C ASP B 422 -22.29 28.53 9.20
N GLU B 423 -22.96 27.43 9.48
CA GLU B 423 -24.10 27.12 8.66
C GLU B 423 -25.36 27.85 9.10
N GLU B 424 -25.32 28.54 10.23
CA GLU B 424 -26.50 29.14 10.82
C GLU B 424 -26.73 30.53 10.22
#